data_3CWV
#
_entry.id   3CWV
#
_cell.length_a   160.606
_cell.length_b   57.799
_cell.length_c   119.437
_cell.angle_alpha   90.000
_cell.angle_beta   127.230
_cell.angle_gamma   90.000
#
_symmetry.space_group_name_H-M   'C 1 2 1'
#
loop_
_entity.id
_entity.type
_entity.pdbx_description
1 polymer 'DNA gyrase, B subunit, truncated'
2 water water
#
_entity_poly.entity_id   1
_entity_poly.type   'polypeptide(L)'
_entity_poly.pdbx_seq_one_letter_code
;MSLGMHLPGGIVENVRKRPGMYCGDVGEYGLHHLVYFLLDVAYEEARRGECRDVVLEVGGDGSIALFCTSRTVTAENLVR
VATGAGFLGRPPGDGWGWDSMLVVSLALSSRYQVDIWADGRQWRVMGEHGHPQGEGAAVTPMEPMPVSAERGVRVHFVPD
ATIFEVLAFDRARLSRRCNELAALAPGLRVSFADLQRGERTLWHLPGGVAQWAHVLTEARPQLHPEPVVFDFTWDGLRVQ
CALQWCEDEDSTLLSFANAVRTVRHGAHVKGVTQALRGALAKLSGETRGAFPWARVAQGLTAIVAVSGPRRQMAFAGPTK
ELLAIPGLEEAIRKQLQPLFIELLREHPVTPALLARRTSGSEGHHHHHH
;
_entity_poly.pdbx_strand_id   A,B
#
# COMPACT_ATOMS: atom_id res chain seq x y z
N GLY A 9 -9.18 18.60 31.94
CA GLY A 9 -10.02 19.47 32.78
C GLY A 9 -11.10 18.53 33.25
N GLY A 10 -10.95 18.00 34.45
CA GLY A 10 -11.52 16.71 34.72
C GLY A 10 -10.67 15.79 33.85
N ILE A 11 -11.28 15.27 32.78
CA ILE A 11 -10.77 14.07 32.11
C ILE A 11 -9.47 14.29 31.36
N VAL A 12 -9.38 15.36 30.57
CA VAL A 12 -8.14 15.60 29.80
C VAL A 12 -6.95 15.78 30.74
N GLU A 13 -7.15 16.53 31.82
CA GLU A 13 -6.06 16.84 32.73
C GLU A 13 -5.65 15.61 33.55
N ASN A 14 -6.61 14.75 33.89
CA ASN A 14 -6.34 13.46 34.50
C ASN A 14 -5.50 12.56 33.62
N VAL A 15 -5.83 12.52 32.33
CA VAL A 15 -5.03 11.74 31.39
C VAL A 15 -3.63 12.32 31.23
N ARG A 16 -3.54 13.65 31.10
CA ARG A 16 -2.22 14.29 30.91
C ARG A 16 -1.33 14.15 32.16
N LYS A 17 -1.95 13.99 33.31
CA LYS A 17 -1.19 13.87 34.57
C LYS A 17 -0.48 12.53 34.71
N ARG A 18 -1.13 11.46 34.24
CA ARG A 18 -0.52 10.12 34.28
C ARG A 18 -0.72 9.38 32.95
N PRO A 19 -0.05 9.85 31.88
CA PRO A 19 -0.27 9.36 30.51
C PRO A 19 -0.09 7.86 30.37
N GLY A 20 0.95 7.28 30.98
CA GLY A 20 1.20 5.86 30.81
C GLY A 20 0.10 4.97 31.38
N MET A 21 -0.73 5.49 32.29
CA MET A 21 -1.87 4.69 32.82
C MET A 21 -2.96 4.49 31.78
N TYR A 22 -2.90 5.33 30.76
CA TYR A 22 -3.93 5.33 29.72
C TYR A 22 -3.45 4.82 28.37
N CYS A 23 -2.20 5.10 28.00
CA CYS A 23 -1.71 4.61 26.72
C CYS A 23 -0.61 3.55 26.87
N GLY A 24 -0.42 3.05 28.09
CA GLY A 24 0.48 1.90 28.30
C GLY A 24 1.86 2.33 28.83
N ASP A 25 2.45 3.30 28.15
CA ASP A 25 3.70 3.91 28.57
C ASP A 25 3.86 5.20 27.77
N VAL A 26 4.97 5.91 27.98
CA VAL A 26 5.27 7.09 27.15
C VAL A 26 6.49 6.90 26.25
N GLY A 27 6.78 5.65 25.91
CA GLY A 27 7.77 5.32 24.89
C GLY A 27 7.10 4.95 23.57
N GLU A 28 7.77 4.09 22.81
CA GLU A 28 7.29 3.74 21.46
C GLU A 28 5.95 2.96 21.44
N TYR A 29 5.69 2.13 22.44
CA TYR A 29 4.40 1.42 22.54
C TYR A 29 3.22 2.41 22.71
N GLY A 30 3.33 3.31 23.69
CA GLY A 30 2.24 4.25 23.97
C GLY A 30 2.01 5.20 22.83
N LEU A 31 3.12 5.63 22.21
CA LEU A 31 3.05 6.49 21.03
C LEU A 31 2.22 5.85 19.94
N HIS A 32 2.48 4.56 19.65
CA HIS A 32 1.72 3.87 18.61
C HIS A 32 0.28 3.63 19.03
N HIS A 33 0.07 3.41 20.32
CA HIS A 33 -1.30 3.27 20.85
C HIS A 33 -2.22 4.45 20.59
N LEU A 34 -1.66 5.64 20.53
CA LEU A 34 -2.47 6.80 20.19
C LEU A 34 -3.14 6.62 18.84
N VAL A 35 -2.39 6.05 17.90
CA VAL A 35 -2.93 5.75 16.58
C VAL A 35 -3.90 4.58 16.61
N TYR A 36 -3.55 3.53 17.37
CA TYR A 36 -4.42 2.35 17.46
C TYR A 36 -5.78 2.73 18.07
N PHE A 37 -5.78 3.66 19.03
CA PHE A 37 -7.06 4.14 19.61
C PHE A 37 -7.96 4.75 18.53
N LEU A 38 -7.38 5.57 17.65
CA LEU A 38 -8.15 6.11 16.49
C LEU A 38 -8.68 5.03 15.55
N LEU A 39 -7.83 4.13 15.11
CA LEU A 39 -8.26 2.97 14.31
C LEU A 39 -9.38 2.14 14.98
N ASP A 40 -9.31 1.99 16.31
CA ASP A 40 -10.36 1.26 17.05
C ASP A 40 -11.73 2.00 16.97
N VAL A 41 -11.70 3.33 17.00
CA VAL A 41 -12.91 4.14 16.77
C VAL A 41 -13.57 3.80 15.42
N ALA A 42 -12.74 3.79 14.36
CA ALA A 42 -13.20 3.49 13.00
C ALA A 42 -13.72 2.04 12.92
N TYR A 43 -13.03 1.12 13.58
CA TYR A 43 -13.49 -0.27 13.64
C TYR A 43 -14.90 -0.38 14.25
N GLU A 44 -15.15 0.32 15.34
CA GLU A 44 -16.45 0.19 15.99
C GLU A 44 -17.57 0.73 15.12
N GLU A 45 -17.30 1.82 14.41
CA GLU A 45 -18.27 2.31 13.42
C GLU A 45 -18.48 1.31 12.30
N ALA A 46 -17.39 0.77 11.76
CA ALA A 46 -17.50 -0.27 10.70
C ALA A 46 -18.24 -1.51 11.22
N ARG A 47 -17.90 -1.97 12.43
CA ARG A 47 -18.57 -3.13 13.03
C ARG A 47 -20.11 -2.97 13.05
N ARG A 48 -20.56 -1.74 13.24
CA ARG A 48 -21.99 -1.41 13.38
C ARG A 48 -22.63 -1.07 12.05
N GLY A 49 -21.83 -1.14 10.97
CA GLY A 49 -22.35 -0.89 9.65
C GLY A 49 -22.52 0.60 9.37
N GLU A 50 -21.68 1.41 10.04
CA GLU A 50 -21.78 2.87 9.99
C GLU A 50 -20.54 3.56 9.41
N CYS A 51 -19.64 2.79 8.80
CA CYS A 51 -18.46 3.38 8.20
C CYS A 51 -17.99 2.52 7.06
N ARG A 52 -17.86 3.11 5.88
CA ARG A 52 -17.44 2.37 4.69
C ARG A 52 -16.00 2.64 4.27
N ASP A 53 -15.41 3.74 4.74
CA ASP A 53 -14.04 4.15 4.32
C ASP A 53 -13.27 4.71 5.52
N VAL A 54 -12.00 4.32 5.62
CA VAL A 54 -11.08 4.81 6.66
C VAL A 54 -9.75 5.10 5.98
N VAL A 55 -9.23 6.31 6.18
CA VAL A 55 -7.91 6.68 5.66
C VAL A 55 -6.99 7.13 6.80
N LEU A 56 -5.83 6.47 6.92
CA LEU A 56 -4.82 6.82 7.90
C LEU A 56 -3.65 7.47 7.15
N GLU A 57 -3.21 8.61 7.65
CA GLU A 57 -2.18 9.37 6.96
C GLU A 57 -1.09 9.73 7.96
N VAL A 58 0.16 9.42 7.61
CA VAL A 58 1.32 9.82 8.42
C VAL A 58 2.10 10.87 7.62
N GLY A 59 2.41 11.97 8.28
CA GLY A 59 3.15 13.03 7.62
C GLY A 59 4.59 12.99 8.09
N GLY A 60 5.45 13.74 7.39
CA GLY A 60 6.85 13.87 7.75
C GLY A 60 7.07 14.60 9.06
N ASP A 61 6.10 15.40 9.47
CA ASP A 61 6.20 16.18 10.70
C ASP A 61 5.79 15.44 11.98
N GLY A 62 5.62 14.12 11.89
CA GLY A 62 5.26 13.31 13.05
C GLY A 62 3.78 13.37 13.44
N SER A 63 2.99 14.08 12.63
CA SER A 63 1.55 14.14 12.85
C SER A 63 0.86 12.89 12.26
N ILE A 64 -0.40 12.70 12.65
CA ILE A 64 -1.16 11.53 12.24
C ILE A 64 -2.53 12.06 11.87
N ALA A 65 -3.12 11.61 10.78
CA ALA A 65 -4.53 11.96 10.59
C ALA A 65 -5.33 10.72 10.25
N LEU A 66 -6.55 10.64 10.78
CA LEU A 66 -7.45 9.54 10.40
C LEU A 66 -8.74 10.20 9.91
N PHE A 67 -9.19 9.80 8.72
CA PHE A 67 -10.50 10.22 8.20
C PHE A 67 -11.42 9.01 8.06
N CYS A 68 -12.70 9.20 8.39
CA CYS A 68 -13.71 8.16 8.29
C CYS A 68 -14.96 8.74 7.62
N THR A 69 -15.56 8.01 6.69
CA THR A 69 -16.85 8.41 6.14
C THR A 69 -17.91 7.93 7.09
N SER A 70 -19.11 8.47 6.96
CA SER A 70 -20.15 8.22 7.96
C SER A 70 -21.49 8.64 7.38
N ARG A 71 -22.57 8.09 7.92
CA ARG A 71 -23.89 8.66 7.65
C ARG A 71 -24.48 9.24 8.92
N THR A 72 -23.77 9.11 10.04
CA THR A 72 -24.35 9.55 11.33
C THR A 72 -23.57 10.58 12.16
N VAL A 73 -22.26 10.72 11.91
CA VAL A 73 -21.44 11.59 12.77
C VAL A 73 -21.98 13.02 12.84
N THR A 74 -21.91 13.64 14.00
CA THR A 74 -22.22 15.07 14.11
C THR A 74 -21.13 15.87 14.80
N ALA A 75 -21.11 17.16 14.55
CA ALA A 75 -20.16 18.02 15.24
C ALA A 75 -20.41 18.06 16.75
N GLU A 76 -21.68 18.04 17.17
CA GLU A 76 -21.97 18.07 18.61
C GLU A 76 -21.43 16.83 19.32
N ASN A 77 -21.60 15.68 18.66
CA ASN A 77 -20.99 14.39 19.05
C ASN A 77 -19.47 14.54 19.28
N LEU A 78 -18.75 15.10 18.31
CA LEU A 78 -17.29 15.27 18.42
C LEU A 78 -16.89 16.21 19.53
N VAL A 79 -17.58 17.35 19.66
CA VAL A 79 -17.24 18.29 20.74
C VAL A 79 -17.41 17.63 22.11
N ARG A 80 -18.51 16.89 22.31
CA ARG A 80 -18.75 16.20 23.58
C ARG A 80 -17.67 15.14 23.89
N VAL A 81 -17.40 14.25 22.92
CA VAL A 81 -16.42 13.20 23.14
C VAL A 81 -15.02 13.78 23.33
N ALA A 82 -14.72 14.92 22.69
CA ALA A 82 -13.42 15.55 22.85
C ALA A 82 -13.10 15.97 24.28
N THR A 83 -14.10 16.26 25.11
CA THR A 83 -13.81 16.53 26.54
C THR A 83 -14.10 15.37 27.50
N GLY A 84 -14.32 14.19 26.95
CA GLY A 84 -14.47 13.03 27.81
C GLY A 84 -15.81 12.39 27.89
N ALA A 85 -16.81 12.93 27.19
CA ALA A 85 -18.13 12.29 27.23
C ALA A 85 -18.07 10.82 26.78
N GLY A 86 -18.66 9.91 27.57
CA GLY A 86 -18.75 8.51 27.21
C GLY A 86 -17.51 7.68 27.56
N PHE A 87 -16.47 8.37 27.96
CA PHE A 87 -15.18 7.73 28.28
C PHE A 87 -15.34 6.73 29.44
N LEU A 88 -14.79 5.53 29.25
CA LEU A 88 -14.87 4.45 30.22
C LEU A 88 -16.32 4.15 30.62
N GLY A 89 -17.23 4.15 29.64
CA GLY A 89 -18.65 3.85 29.88
C GLY A 89 -19.53 4.92 30.52
N ARG A 90 -18.97 6.08 30.82
N ARG A 90 -18.94 6.09 30.80
CA ARG A 90 -19.70 7.11 31.54
CA ARG A 90 -19.60 7.18 31.54
C ARG A 90 -20.02 8.37 30.72
C ARG A 90 -20.01 8.41 30.69
N PRO A 91 -21.31 8.59 30.41
CA PRO A 91 -22.46 7.72 30.65
C PRO A 91 -22.58 6.71 29.51
N PRO A 92 -23.47 5.70 29.65
CA PRO A 92 -23.67 4.81 28.53
C PRO A 92 -24.39 5.59 27.41
N GLY A 93 -24.10 5.25 26.17
CA GLY A 93 -24.66 6.04 25.05
C GLY A 93 -24.17 5.58 23.70
N ASP A 94 -24.16 6.49 22.70
CA ASP A 94 -23.82 6.11 21.33
C ASP A 94 -23.19 7.29 20.62
N GLY A 95 -22.41 7.02 19.58
CA GLY A 95 -21.79 8.12 18.85
C GLY A 95 -20.41 7.75 18.37
N TRP A 96 -19.95 8.49 17.37
CA TRP A 96 -18.58 8.36 16.87
C TRP A 96 -17.58 8.54 18.02
N GLY A 97 -16.82 7.50 18.35
CA GLY A 97 -15.81 7.59 19.44
C GLY A 97 -16.41 7.52 20.84
N TRP A 98 -17.72 7.27 20.94
CA TRP A 98 -18.35 7.11 22.26
C TRP A 98 -17.89 5.78 22.88
N ASP A 99 -17.55 5.82 24.16
CA ASP A 99 -16.92 4.70 24.84
C ASP A 99 -15.66 4.16 24.12
N SER A 100 -14.82 5.08 23.64
CA SER A 100 -13.60 4.71 22.96
C SER A 100 -12.49 5.35 23.75
N MET A 101 -11.24 5.17 23.31
CA MET A 101 -10.11 5.84 23.89
C MET A 101 -9.74 7.07 23.05
N LEU A 102 -10.65 7.54 22.20
CA LEU A 102 -10.40 8.81 21.50
C LEU A 102 -9.87 9.97 22.36
N VAL A 103 -10.48 10.22 23.52
CA VAL A 103 -10.10 11.35 24.33
C VAL A 103 -8.64 11.22 24.81
N VAL A 104 -8.14 10.00 24.91
CA VAL A 104 -6.71 9.83 25.30
C VAL A 104 -5.79 10.33 24.19
N SER A 105 -6.07 9.97 22.94
CA SER A 105 -5.26 10.44 21.83
C SER A 105 -5.28 11.95 21.74
N LEU A 106 -6.47 12.53 21.91
CA LEU A 106 -6.60 13.98 21.89
C LEU A 106 -5.94 14.62 23.11
N ALA A 107 -6.20 14.08 24.30
CA ALA A 107 -5.59 14.64 25.53
C ALA A 107 -4.07 14.69 25.45
N LEU A 108 -3.47 13.66 24.85
CA LEU A 108 -2.00 13.52 24.81
C LEU A 108 -1.35 14.09 23.55
N SER A 109 -2.06 15.00 22.88
CA SER A 109 -1.51 15.74 21.75
C SER A 109 -1.10 17.15 22.22
N SER A 110 -0.11 17.76 21.58
CA SER A 110 0.18 19.18 21.84
C SER A 110 -0.80 20.03 21.03
N ARG A 111 -1.25 19.48 19.92
CA ARG A 111 -2.26 20.18 19.12
C ARG A 111 -3.03 19.20 18.31
N TYR A 112 -4.30 19.56 17.99
CA TYR A 112 -5.07 18.77 17.08
C TYR A 112 -6.04 19.63 16.27
N GLN A 113 -6.59 19.00 15.25
CA GLN A 113 -7.65 19.63 14.44
C GLN A 113 -8.65 18.57 14.07
N VAL A 114 -9.92 18.82 14.37
CA VAL A 114 -10.94 17.87 14.00
C VAL A 114 -11.88 18.57 12.97
N ASP A 115 -12.17 17.90 11.88
CA ASP A 115 -13.10 18.44 10.87
C ASP A 115 -14.27 17.49 10.74
N ILE A 116 -15.49 18.04 10.66
CA ILE A 116 -16.67 17.22 10.54
C ILE A 116 -17.44 17.78 9.34
N TRP A 117 -17.78 16.91 8.39
CA TRP A 117 -18.53 17.32 7.19
C TRP A 117 -19.91 16.70 7.36
N ALA A 118 -20.96 17.48 7.12
CA ALA A 118 -22.34 16.98 7.16
C ALA A 118 -23.25 18.03 6.52
N ASP A 119 -24.27 17.60 5.79
CA ASP A 119 -25.29 18.54 5.23
C ASP A 119 -24.71 19.62 4.33
N GLY A 120 -23.74 19.26 3.51
CA GLY A 120 -23.10 20.24 2.65
C GLY A 120 -22.26 21.28 3.35
N ARG A 121 -22.05 21.09 4.66
CA ARG A 121 -21.28 22.05 5.43
C ARG A 121 -20.19 21.33 6.26
N GLN A 122 -19.22 22.10 6.72
CA GLN A 122 -18.07 21.61 7.45
C GLN A 122 -17.86 22.42 8.74
N TRP A 123 -17.55 21.73 9.82
CA TRP A 123 -17.26 22.37 11.09
C TRP A 123 -15.87 21.92 11.53
N ARG A 124 -15.14 22.81 12.21
CA ARG A 124 -13.76 22.56 12.62
C ARG A 124 -13.54 22.91 14.09
N VAL A 125 -12.94 21.99 14.85
CA VAL A 125 -12.60 22.20 16.26
C VAL A 125 -11.07 22.08 16.41
N MET A 126 -10.43 23.12 16.94
CA MET A 126 -8.98 23.13 17.15
C MET A 126 -8.71 22.65 18.56
N GLY A 127 -7.55 22.04 18.76
CA GLY A 127 -7.18 21.60 20.11
C GLY A 127 -5.76 22.09 20.41
N GLU A 128 -5.50 22.48 21.67
CA GLU A 128 -4.12 22.78 22.10
C GLU A 128 -3.89 22.13 23.47
N HIS A 129 -2.77 21.42 23.64
CA HIS A 129 -2.41 20.83 24.96
C HIS A 129 -3.53 19.95 25.50
N GLY A 130 -4.24 19.32 24.56
CA GLY A 130 -5.18 18.29 24.88
C GLY A 130 -6.61 18.73 24.94
N HIS A 131 -6.83 20.05 24.84
CA HIS A 131 -8.15 20.65 25.11
C HIS A 131 -8.75 21.31 23.86
N PRO A 132 -10.05 21.14 23.65
CA PRO A 132 -10.65 21.86 22.52
C PRO A 132 -10.65 23.36 22.79
N GLN A 133 -10.39 24.13 21.75
CA GLN A 133 -10.50 25.57 21.83
C GLN A 133 -11.93 25.99 21.53
N GLY A 134 -12.70 26.20 22.59
CA GLY A 134 -14.14 26.58 22.46
C GLY A 134 -14.93 25.45 21.86
N GLU A 135 -15.94 25.76 21.06
CA GLU A 135 -16.71 24.72 20.42
C GLU A 135 -16.51 24.70 18.87
N GLY A 136 -15.46 25.34 18.39
CA GLY A 136 -15.05 25.26 16.99
C GLY A 136 -15.67 26.36 16.16
N ALA A 137 -15.60 26.26 14.83
CA ALA A 137 -16.11 27.30 13.91
C ALA A 137 -16.35 26.68 12.57
N ALA A 138 -17.23 27.30 11.78
CA ALA A 138 -17.54 26.81 10.43
C ALA A 138 -16.33 26.95 9.52
N VAL A 139 -16.21 26.06 8.54
CA VAL A 139 -15.25 26.18 7.46
C VAL A 139 -16.07 26.55 6.22
N THR A 140 -15.92 27.79 5.78
CA THR A 140 -16.66 28.30 4.61
C THR A 140 -15.70 28.99 3.64
N PRO A 141 -15.68 28.57 2.37
CA PRO A 141 -16.52 27.49 1.85
C PRO A 141 -15.95 26.13 2.34
N MET A 142 -16.80 25.11 2.28
CA MET A 142 -16.48 23.71 2.58
C MET A 142 -15.27 23.27 1.76
N GLU A 143 -14.32 22.62 2.43
CA GLU A 143 -13.14 22.09 1.75
C GLU A 143 -13.40 20.64 1.36
N PRO A 144 -12.66 20.10 0.37
CA PRO A 144 -13.05 18.78 -0.13
C PRO A 144 -12.84 17.66 0.91
N MET A 145 -13.80 16.74 0.96
CA MET A 145 -13.72 15.56 1.81
C MET A 145 -12.65 14.65 1.22
N PRO A 146 -11.76 14.07 2.06
CA PRO A 146 -10.78 13.09 1.60
C PRO A 146 -11.39 11.94 0.79
N VAL A 147 -12.55 11.46 1.22
CA VAL A 147 -13.34 10.47 0.48
C VAL A 147 -14.75 11.02 0.52
N SER A 148 -15.35 11.22 -0.65
CA SER A 148 -16.67 11.87 -0.71
C SER A 148 -17.75 10.96 -0.15
N ALA A 149 -18.62 11.52 0.69
CA ALA A 149 -19.68 10.74 1.31
C ALA A 149 -20.71 11.68 1.90
N GLU A 150 -21.82 11.13 2.41
CA GLU A 150 -22.85 11.96 3.06
C GLU A 150 -22.24 12.77 4.21
N ARG A 151 -21.46 12.08 5.06
CA ARG A 151 -20.81 12.73 6.18
C ARG A 151 -19.41 12.14 6.35
N GLY A 152 -18.59 12.83 7.13
CA GLY A 152 -17.26 12.30 7.45
C GLY A 152 -16.63 13.08 8.56
N VAL A 153 -15.56 12.51 9.12
CA VAL A 153 -14.87 13.15 10.22
C VAL A 153 -13.36 12.87 10.04
N ARG A 154 -12.56 13.91 10.19
CA ARG A 154 -11.10 13.78 10.21
C ARG A 154 -10.54 14.24 11.55
N VAL A 155 -9.64 13.45 12.13
CA VAL A 155 -8.99 13.84 13.38
C VAL A 155 -7.50 13.89 13.04
N HIS A 156 -6.88 15.04 13.17
CA HIS A 156 -5.45 15.20 12.84
C HIS A 156 -4.80 15.62 14.14
N PHE A 157 -3.70 14.99 14.56
CA PHE A 157 -3.08 15.37 15.82
C PHE A 157 -1.58 15.12 15.81
N VAL A 158 -0.91 15.76 16.77
CA VAL A 158 0.53 15.67 16.95
C VAL A 158 0.79 15.22 18.40
N PRO A 159 1.32 14.00 18.57
CA PRO A 159 1.64 13.53 19.91
C PRO A 159 2.49 14.58 20.59
N ASP A 160 2.19 14.83 21.87
CA ASP A 160 2.83 15.92 22.61
C ASP A 160 4.31 15.60 22.87
N ALA A 161 5.19 16.41 22.29
CA ALA A 161 6.63 16.21 22.46
C ALA A 161 7.16 16.40 23.88
N THR A 162 6.38 17.03 24.75
CA THR A 162 6.77 17.17 26.16
C THR A 162 6.41 15.91 26.97
N ILE A 163 5.65 15.01 26.36
CA ILE A 163 5.16 13.83 27.08
C ILE A 163 5.89 12.59 26.59
N PHE A 164 5.95 12.40 25.28
CA PHE A 164 6.48 11.17 24.73
C PHE A 164 7.97 11.21 24.50
N GLU A 165 8.60 10.07 24.75
CA GLU A 165 10.06 9.92 24.71
C GLU A 165 10.57 9.73 23.30
N VAL A 166 9.73 9.15 22.43
CA VAL A 166 10.08 8.99 21.02
C VAL A 166 8.87 9.48 20.23
N LEU A 167 9.12 10.02 19.04
CA LEU A 167 8.05 10.63 18.27
C LEU A 167 7.91 10.05 16.87
N ALA A 168 8.80 9.13 16.50
CA ALA A 168 8.77 8.59 15.16
C ALA A 168 7.85 7.36 15.06
N PHE A 169 6.89 7.40 14.14
CA PHE A 169 6.04 6.23 13.90
C PHE A 169 6.69 5.22 12.99
N ASP A 170 6.53 3.93 13.31
CA ASP A 170 6.93 2.83 12.47
C ASP A 170 5.83 2.66 11.40
N ARG A 171 6.08 3.17 10.18
CA ARG A 171 5.11 3.07 9.08
C ARG A 171 4.66 1.65 8.76
N ALA A 172 5.61 0.72 8.82
CA ALA A 172 5.32 -0.69 8.54
C ALA A 172 4.32 -1.29 9.50
N ARG A 173 4.46 -1.03 10.80
CA ARG A 173 3.49 -1.60 11.75
C ARG A 173 2.11 -0.94 11.68
N LEU A 174 2.07 0.36 11.39
CA LEU A 174 0.80 1.06 11.13
C LEU A 174 0.09 0.50 9.88
N SER A 175 0.82 0.29 8.77
CA SER A 175 0.24 -0.35 7.57
C SER A 175 -0.28 -1.75 7.86
N ARG A 176 0.48 -2.54 8.62
CA ARG A 176 -0.01 -3.87 9.03
C ARG A 176 -1.30 -3.80 9.82
N ARG A 177 -1.45 -2.81 10.71
CA ARG A 177 -2.68 -2.71 11.50
C ARG A 177 -3.85 -2.33 10.59
N CYS A 178 -3.57 -1.54 9.58
CA CYS A 178 -4.62 -1.16 8.64
C CYS A 178 -5.08 -2.39 7.83
N ASN A 179 -4.13 -3.21 7.40
CA ASN A 179 -4.42 -4.44 6.68
C ASN A 179 -5.31 -5.36 7.53
N GLU A 180 -4.99 -5.52 8.81
CA GLU A 180 -5.78 -6.31 9.74
C GLU A 180 -7.20 -5.78 9.86
N LEU A 181 -7.32 -4.45 10.01
CA LEU A 181 -8.62 -3.82 10.13
C LEU A 181 -9.53 -4.11 8.90
N ALA A 182 -8.97 -4.01 7.70
CA ALA A 182 -9.71 -4.43 6.49
C ALA A 182 -10.19 -5.88 6.54
N ALA A 183 -9.34 -6.78 7.05
CA ALA A 183 -9.71 -8.19 7.22
C ALA A 183 -10.78 -8.41 8.30
N LEU A 184 -10.70 -7.64 9.38
CA LEU A 184 -11.57 -7.88 10.55
C LEU A 184 -12.96 -7.28 10.33
N ALA A 185 -13.04 -6.31 9.43
CA ALA A 185 -14.28 -5.65 9.10
C ALA A 185 -14.48 -5.79 7.57
N PRO A 186 -14.83 -7.02 7.14
CA PRO A 186 -14.83 -7.34 5.71
C PRO A 186 -15.69 -6.41 4.91
N GLY A 187 -15.14 -5.87 3.82
CA GLY A 187 -15.86 -4.90 3.02
C GLY A 187 -15.48 -3.45 3.34
N LEU A 188 -14.97 -3.21 4.54
CA LEU A 188 -14.44 -1.88 4.89
C LEU A 188 -13.23 -1.55 3.98
N ARG A 189 -13.25 -0.36 3.37
CA ARG A 189 -12.08 0.17 2.62
C ARG A 189 -11.13 0.92 3.55
N VAL A 190 -9.90 0.43 3.68
CA VAL A 190 -8.98 1.05 4.61
C VAL A 190 -7.75 1.44 3.82
N SER A 191 -7.29 2.68 3.96
CA SER A 191 -6.13 3.15 3.21
C SER A 191 -5.05 3.67 4.17
N PHE A 192 -3.80 3.47 3.78
CA PHE A 192 -2.69 4.04 4.50
C PHE A 192 -1.93 4.97 3.54
N ALA A 193 -1.83 6.26 3.86
CA ALA A 193 -1.20 7.24 3.00
C ALA A 193 0.13 7.68 3.60
N ASP A 194 1.19 7.28 2.92
CA ASP A 194 2.57 7.59 3.27
C ASP A 194 2.94 8.83 2.44
N LEU A 195 2.61 10.01 2.95
CA LEU A 195 2.74 11.26 2.19
C LEU A 195 4.16 11.52 1.65
N GLN A 196 5.14 11.15 2.45
CA GLN A 196 6.55 11.29 2.06
C GLN A 196 6.87 10.50 0.78
N ARG A 197 6.49 9.23 0.75
CA ARG A 197 6.78 8.36 -0.38
C ARG A 197 5.92 8.60 -1.61
N GLY A 198 4.94 9.48 -1.52
CA GLY A 198 3.96 9.63 -2.59
C GLY A 198 3.23 8.32 -2.83
N GLU A 199 3.05 7.55 -1.75
CA GLU A 199 2.44 6.22 -1.80
C GLU A 199 1.13 6.16 -0.96
N ARG A 200 0.16 5.38 -1.44
CA ARG A 200 -1.12 5.15 -0.71
C ARG A 200 -1.59 3.72 -0.97
N THR A 201 -1.74 2.92 0.08
CA THR A 201 -2.17 1.52 -0.08
C THR A 201 -3.62 1.40 0.35
N LEU A 202 -4.44 0.77 -0.48
CA LEU A 202 -5.86 0.55 -0.19
C LEU A 202 -6.06 -0.92 0.00
N TRP A 203 -6.61 -1.30 1.16
CA TRP A 203 -7.05 -2.68 1.38
C TRP A 203 -8.57 -2.73 1.33
N HIS A 204 -9.10 -3.74 0.65
CA HIS A 204 -10.51 -4.01 0.66
C HIS A 204 -10.59 -5.53 0.56
N LEU A 205 -10.96 -6.15 1.68
CA LEU A 205 -10.96 -7.61 1.78
C LEU A 205 -12.40 -8.10 2.01
N PRO A 206 -13.22 -8.14 0.94
CA PRO A 206 -14.63 -8.54 1.16
C PRO A 206 -14.72 -9.98 1.68
N GLY A 207 -13.71 -10.80 1.42
CA GLY A 207 -13.68 -12.14 1.99
C GLY A 207 -13.18 -12.22 3.41
N GLY A 208 -12.85 -11.09 4.03
CA GLY A 208 -12.53 -11.09 5.47
C GLY A 208 -11.30 -11.86 5.90
N VAL A 209 -11.40 -12.58 7.01
CA VAL A 209 -10.24 -13.28 7.54
C VAL A 209 -9.87 -14.49 6.67
N ALA A 210 -10.80 -14.93 5.82
CA ALA A 210 -10.53 -16.00 4.86
C ALA A 210 -9.57 -15.47 3.79
N GLN A 211 -9.88 -14.28 3.30
CA GLN A 211 -9.03 -13.67 2.29
C GLN A 211 -7.65 -13.41 2.89
N TRP A 212 -7.62 -13.01 4.18
CA TRP A 212 -6.39 -12.71 4.89
C TRP A 212 -5.55 -13.96 5.13
N ALA A 213 -6.21 -15.08 5.43
CA ALA A 213 -5.50 -16.34 5.65
C ALA A 213 -4.77 -16.78 4.37
N HIS A 214 -5.44 -16.61 3.23
CA HIS A 214 -4.82 -16.90 1.94
C HIS A 214 -3.55 -16.07 1.78
N VAL A 215 -3.67 -14.76 2.03
CA VAL A 215 -2.53 -13.86 1.99
C VAL A 215 -1.38 -14.37 2.85
N LEU A 216 -1.68 -14.70 4.11
CA LEU A 216 -0.67 -15.12 5.07
C LEU A 216 0.03 -16.42 4.68
N THR A 217 -0.61 -17.21 3.83
CA THR A 217 -0.05 -18.49 3.40
C THR A 217 0.38 -18.54 1.92
N GLU A 218 0.22 -17.42 1.20
CA GLU A 218 0.40 -17.43 -0.27
C GLU A 218 1.77 -17.97 -0.76
N ALA A 219 2.78 -17.92 0.10
CA ALA A 219 4.13 -18.37 -0.26
C ALA A 219 4.48 -19.70 0.40
N ARG A 220 3.44 -20.42 0.83
CA ARG A 220 3.58 -21.73 1.44
C ARG A 220 2.84 -22.75 0.57
N PRO A 221 3.16 -24.05 0.70
CA PRO A 221 2.42 -24.99 -0.14
C PRO A 221 1.05 -25.36 0.44
N GLN A 222 0.01 -24.71 -0.07
CA GLN A 222 -1.35 -24.91 0.43
C GLN A 222 -1.91 -26.29 0.07
N LEU A 223 -2.49 -26.98 1.05
CA LEU A 223 -3.05 -28.33 0.85
C LEU A 223 -4.46 -28.31 0.26
N HIS A 224 -5.03 -27.13 0.17
CA HIS A 224 -6.34 -26.94 -0.44
C HIS A 224 -6.38 -25.49 -0.95
N PRO A 225 -7.12 -25.24 -2.05
CA PRO A 225 -7.08 -23.95 -2.73
C PRO A 225 -7.92 -22.84 -2.11
N GLU A 226 -8.78 -23.19 -1.16
CA GLU A 226 -9.63 -22.19 -0.50
C GLU A 226 -9.68 -22.47 1.00
N PRO A 227 -9.54 -21.42 1.83
CA PRO A 227 -9.59 -21.67 3.26
C PRO A 227 -10.95 -22.20 3.68
N VAL A 228 -10.97 -22.97 4.77
CA VAL A 228 -12.23 -23.32 5.40
C VAL A 228 -12.73 -22.09 6.17
N VAL A 229 -13.99 -21.70 5.97
CA VAL A 229 -14.48 -20.45 6.55
C VAL A 229 -15.83 -20.63 7.23
N PHE A 230 -16.06 -19.86 8.30
CA PHE A 230 -17.35 -19.77 8.97
C PHE A 230 -17.62 -18.32 9.32
N ASP A 231 -18.90 -17.95 9.30
CA ASP A 231 -19.29 -16.61 9.70
C ASP A 231 -20.71 -16.77 10.21
N PHE A 232 -20.91 -16.58 11.51
CA PHE A 232 -22.26 -16.68 12.08
C PHE A 232 -22.42 -15.80 13.30
N THR A 233 -23.65 -15.65 13.77
CA THR A 233 -23.96 -14.80 14.92
C THR A 233 -24.65 -15.63 16.00
N TRP A 234 -24.22 -15.42 17.24
CA TRP A 234 -24.85 -16.07 18.40
C TRP A 234 -25.04 -15.04 19.46
N ASP A 235 -26.28 -14.92 19.93
CA ASP A 235 -26.61 -13.99 20.98
C ASP A 235 -26.01 -12.59 20.73
N GLY A 236 -26.13 -12.09 19.50
CA GLY A 236 -25.66 -10.74 19.18
C GLY A 236 -24.17 -10.62 18.85
N LEU A 237 -23.47 -11.75 18.89
CA LEU A 237 -22.01 -11.82 18.73
C LEU A 237 -21.70 -12.47 17.41
N ARG A 238 -20.88 -11.81 16.58
CA ARG A 238 -20.46 -12.39 15.32
C ARG A 238 -19.15 -13.15 15.46
N VAL A 239 -19.13 -14.36 14.92
CA VAL A 239 -17.93 -15.18 14.98
C VAL A 239 -17.52 -15.43 13.55
N GLN A 240 -16.27 -15.08 13.22
CA GLN A 240 -15.72 -15.27 11.88
C GLN A 240 -14.46 -16.08 12.05
N CYS A 241 -14.28 -17.08 11.20
CA CYS A 241 -13.20 -18.00 11.36
C CYS A 241 -12.66 -18.42 9.98
N ALA A 242 -11.34 -18.60 9.88
CA ALA A 242 -10.73 -19.15 8.65
C ALA A 242 -9.63 -20.13 9.03
N LEU A 243 -9.57 -21.26 8.32
CA LEU A 243 -8.50 -22.24 8.55
C LEU A 243 -7.85 -22.65 7.23
N GLN A 244 -6.52 -22.72 7.23
CA GLN A 244 -5.78 -23.01 6.00
C GLN A 244 -4.57 -23.84 6.35
N TRP A 245 -4.54 -25.07 5.82
CA TRP A 245 -3.44 -25.99 6.00
C TRP A 245 -2.48 -25.93 4.83
N CYS A 246 -1.20 -25.99 5.13
CA CYS A 246 -0.12 -25.99 4.16
C CYS A 246 0.80 -27.13 4.56
N GLU A 247 1.68 -27.56 3.65
CA GLU A 247 2.55 -28.66 4.01
C GLU A 247 3.90 -28.19 4.54
N ASP A 248 3.86 -27.63 5.75
CA ASP A 248 5.05 -27.27 6.51
C ASP A 248 4.83 -27.48 8.00
N GLU A 249 5.82 -27.11 8.80
CA GLU A 249 5.81 -27.44 10.22
C GLU A 249 5.18 -26.36 11.08
N ASP A 250 5.20 -25.13 10.58
CA ASP A 250 4.81 -23.97 11.36
C ASP A 250 3.30 -23.91 11.56
N SER A 251 2.90 -23.38 12.70
CA SER A 251 1.49 -23.23 13.06
C SER A 251 1.26 -21.77 13.40
N THR A 252 0.13 -21.22 12.96
CA THR A 252 -0.23 -19.85 13.27
C THR A 252 -1.69 -19.81 13.74
N LEU A 253 -1.91 -19.25 14.93
CA LEU A 253 -3.27 -19.09 15.46
C LEU A 253 -3.43 -17.65 15.95
N LEU A 254 -4.22 -16.86 15.21
CA LEU A 254 -4.47 -15.45 15.54
C LEU A 254 -5.93 -15.32 15.99
N SER A 255 -6.15 -14.75 17.17
CA SER A 255 -7.54 -14.58 17.63
C SER A 255 -7.77 -13.14 18.06
N PHE A 256 -9.01 -12.68 17.91
CA PHE A 256 -9.36 -11.28 18.15
C PHE A 256 -10.71 -11.20 18.84
N ALA A 257 -10.91 -10.18 19.65
CA ALA A 257 -12.25 -9.82 20.13
C ALA A 257 -12.38 -8.35 19.84
N ASN A 258 -13.41 -7.99 19.08
CA ASN A 258 -13.49 -6.65 18.51
C ASN A 258 -12.16 -6.13 17.94
N ALA A 259 -11.53 -6.97 17.13
CA ALA A 259 -10.37 -6.53 16.34
C ALA A 259 -9.15 -6.14 17.18
N VAL A 260 -9.20 -6.44 18.47
CA VAL A 260 -7.99 -6.41 19.29
C VAL A 260 -7.56 -7.84 19.65
N ARG A 261 -6.26 -8.09 19.59
CA ARG A 261 -5.84 -9.47 19.64
C ARG A 261 -5.98 -10.02 21.04
N THR A 262 -6.33 -11.30 21.12
CA THR A 262 -6.35 -12.02 22.38
C THR A 262 -5.21 -13.01 22.27
N VAL A 263 -4.01 -12.59 22.68
CA VAL A 263 -2.83 -13.45 22.50
C VAL A 263 -2.85 -14.76 23.28
N ARG A 264 -3.72 -14.90 24.29
CA ARG A 264 -3.91 -16.19 24.98
C ARG A 264 -5.30 -16.78 24.71
N HIS A 265 -5.90 -16.35 23.61
CA HIS A 265 -7.06 -17.05 23.04
C HIS A 265 -8.24 -17.03 24.00
N GLY A 266 -8.81 -18.18 24.33
CA GLY A 266 -10.00 -18.20 25.16
C GLY A 266 -11.18 -18.87 24.49
N ALA A 267 -12.38 -18.48 24.92
CA ALA A 267 -13.60 -19.22 24.61
C ALA A 267 -13.94 -19.27 23.12
N HIS A 268 -13.64 -18.19 22.39
CA HIS A 268 -13.90 -18.15 20.94
C HIS A 268 -13.04 -19.20 20.22
N VAL A 269 -11.76 -19.25 20.59
CA VAL A 269 -10.83 -20.19 20.00
C VAL A 269 -11.15 -21.63 20.42
N LYS A 270 -11.35 -21.85 21.72
CA LYS A 270 -11.65 -23.19 22.21
C LYS A 270 -12.92 -23.78 21.60
N GLY A 271 -13.94 -22.96 21.36
CA GLY A 271 -15.11 -23.44 20.63
C GLY A 271 -14.72 -24.07 19.29
N VAL A 272 -13.79 -23.41 18.59
CA VAL A 272 -13.40 -23.84 17.25
C VAL A 272 -12.55 -25.09 17.32
N THR A 273 -11.55 -25.10 18.19
CA THR A 273 -10.65 -26.22 18.21
C THR A 273 -11.34 -27.47 18.75
N GLN A 274 -12.25 -27.28 19.70
CA GLN A 274 -13.01 -28.41 20.22
C GLN A 274 -13.94 -29.00 19.17
N ALA A 275 -14.56 -28.12 18.38
CA ALA A 275 -15.42 -28.55 17.28
C ALA A 275 -14.63 -29.34 16.22
N LEU A 276 -13.42 -28.88 15.88
CA LEU A 276 -12.59 -29.55 14.87
C LEU A 276 -12.01 -30.88 15.36
N ARG A 277 -11.39 -30.86 16.54
CA ARG A 277 -10.88 -32.08 17.15
C ARG A 277 -11.96 -33.14 17.31
N GLY A 278 -13.19 -32.68 17.56
CA GLY A 278 -14.35 -33.54 17.71
C GLY A 278 -14.91 -34.09 16.41
N ALA A 279 -14.82 -33.28 15.35
CA ALA A 279 -15.24 -33.71 14.02
C ALA A 279 -14.30 -34.78 13.53
N LEU A 280 -12.99 -34.58 13.75
CA LEU A 280 -11.99 -35.56 13.37
C LEU A 280 -12.15 -36.87 14.14
N ALA A 281 -12.27 -36.78 15.47
CA ALA A 281 -12.54 -37.94 16.31
C ALA A 281 -13.68 -38.79 15.77
N LYS A 282 -14.82 -38.18 15.46
CA LYS A 282 -15.96 -38.92 14.98
C LYS A 282 -15.72 -39.57 13.61
N LEU A 283 -15.13 -38.82 12.69
CA LEU A 283 -14.88 -39.31 11.33
C LEU A 283 -13.99 -40.54 11.33
N SER A 284 -12.95 -40.51 12.15
CA SER A 284 -12.01 -41.62 12.28
C SER A 284 -12.54 -42.72 13.20
N GLY A 285 -13.68 -42.47 13.83
CA GLY A 285 -14.22 -43.37 14.84
C GLY A 285 -13.35 -43.47 16.07
N GLU A 286 -12.54 -42.44 16.31
CA GLU A 286 -11.68 -42.41 17.49
C GLU A 286 -12.19 -41.40 18.53
N THR A 287 -11.31 -41.05 19.47
CA THR A 287 -11.63 -40.15 20.56
C THR A 287 -10.84 -38.84 20.41
N ARG A 288 -11.33 -37.75 21.01
CA ARG A 288 -10.67 -36.44 20.90
C ARG A 288 -9.20 -36.47 21.28
N GLY A 289 -8.84 -37.33 22.24
CA GLY A 289 -7.46 -37.47 22.68
C GLY A 289 -6.52 -38.00 21.61
N ALA A 290 -7.11 -38.68 20.62
CA ALA A 290 -6.37 -39.18 19.46
C ALA A 290 -5.92 -38.03 18.56
N PHE A 291 -6.62 -36.91 18.67
CA PHE A 291 -6.30 -35.72 17.89
C PHE A 291 -5.95 -34.52 18.76
N PRO A 292 -4.74 -34.53 19.35
CA PRO A 292 -4.36 -33.37 20.15
C PRO A 292 -4.19 -32.18 19.24
N TRP A 293 -4.38 -30.99 19.78
CA TRP A 293 -4.38 -29.77 18.96
C TRP A 293 -3.02 -29.54 18.31
N ALA A 294 -1.95 -29.83 19.04
CA ALA A 294 -0.59 -29.68 18.52
C ALA A 294 -0.37 -30.47 17.22
N ARG A 295 -1.02 -31.62 17.09
CA ARG A 295 -0.92 -32.44 15.88
C ARG A 295 -1.84 -31.88 14.78
N VAL A 296 -3.11 -31.70 15.13
CA VAL A 296 -4.09 -31.15 14.19
C VAL A 296 -3.62 -29.85 13.57
N ALA A 297 -2.93 -29.02 14.36
CA ALA A 297 -2.52 -27.66 13.93
C ALA A 297 -1.21 -27.57 13.15
N GLN A 298 -0.54 -28.71 12.93
CA GLN A 298 0.70 -28.69 12.14
C GLN A 298 0.40 -28.19 10.74
N GLY A 299 1.12 -27.14 10.32
CA GLY A 299 0.87 -26.52 9.03
C GLY A 299 -0.41 -25.68 8.93
N LEU A 300 -1.13 -25.54 10.04
CA LEU A 300 -2.35 -24.73 10.07
C LEU A 300 -2.10 -23.24 10.33
N THR A 301 -2.66 -22.40 9.47
CA THR A 301 -2.84 -20.98 9.75
C THR A 301 -4.34 -20.82 10.02
N ALA A 302 -4.68 -20.44 11.25
CA ALA A 302 -6.08 -20.28 11.65
C ALA A 302 -6.30 -18.90 12.27
N ILE A 303 -7.44 -18.30 11.95
CA ILE A 303 -7.80 -16.99 12.49
C ILE A 303 -9.23 -17.10 13.02
N VAL A 304 -9.43 -16.62 14.26
CA VAL A 304 -10.73 -16.65 14.90
C VAL A 304 -11.05 -15.26 15.50
N ALA A 305 -12.10 -14.59 15.03
CA ALA A 305 -12.41 -13.23 15.45
C ALA A 305 -13.86 -13.18 15.93
N VAL A 306 -14.06 -12.71 17.17
CA VAL A 306 -15.43 -12.51 17.65
C VAL A 306 -15.65 -11.02 17.78
N SER A 307 -16.86 -10.56 17.56
CA SER A 307 -17.10 -9.14 17.70
C SER A 307 -18.51 -8.96 18.26
N GLY A 308 -18.79 -7.81 18.89
CA GLY A 308 -20.10 -7.55 19.46
C GLY A 308 -20.04 -6.27 20.29
N PRO A 309 -21.15 -5.93 20.97
CA PRO A 309 -21.13 -4.73 21.83
C PRO A 309 -19.94 -4.79 22.79
N ARG A 310 -19.22 -3.67 22.98
CA ARG A 310 -18.01 -3.64 23.85
C ARG A 310 -18.29 -4.19 25.25
N ARG A 311 -19.47 -3.88 25.77
CA ARG A 311 -19.88 -4.30 27.11
C ARG A 311 -19.98 -5.81 27.27
N GLN A 312 -20.28 -6.49 26.15
CA GLN A 312 -20.41 -7.95 26.11
C GLN A 312 -19.07 -8.69 26.03
N MET A 313 -17.99 -7.99 25.72
CA MET A 313 -16.64 -8.60 25.65
C MET A 313 -16.10 -8.75 27.06
N ALA A 314 -15.95 -10.00 27.52
CA ALA A 314 -15.52 -10.26 28.89
C ALA A 314 -14.28 -11.13 28.84
N PHE A 315 -13.33 -10.83 29.72
CA PHE A 315 -12.02 -11.45 29.68
C PHE A 315 -11.76 -12.13 31.02
N ALA A 316 -10.78 -13.02 31.06
CA ALA A 316 -10.46 -13.75 32.28
C ALA A 316 -9.80 -12.85 33.33
N GLY A 317 -9.23 -11.75 32.87
CA GLY A 317 -8.58 -10.82 33.80
C GLY A 317 -8.24 -9.52 33.10
N PRO A 318 -7.52 -8.63 33.82
CA PRO A 318 -7.25 -7.25 33.39
C PRO A 318 -6.30 -7.08 32.21
N THR A 319 -5.52 -8.13 31.88
CA THR A 319 -4.63 -8.06 30.71
C THR A 319 -5.44 -8.10 29.40
N LYS A 320 -6.68 -8.60 29.47
CA LYS A 320 -7.55 -8.81 28.29
C LYS A 320 -6.94 -9.72 27.24
N GLU A 321 -6.09 -10.64 27.67
CA GLU A 321 -5.41 -11.51 26.74
C GLU A 321 -6.19 -12.80 26.48
N LEU A 322 -7.17 -13.08 27.33
CA LEU A 322 -7.92 -14.34 27.25
C LEU A 322 -9.41 -14.06 27.38
N LEU A 323 -10.14 -14.36 26.32
CA LEU A 323 -11.59 -14.12 26.29
C LEU A 323 -12.38 -15.16 27.11
N ALA A 324 -13.33 -14.70 27.93
CA ALA A 324 -14.13 -15.60 28.76
C ALA A 324 -15.56 -15.08 28.77
N ILE A 325 -16.33 -15.49 27.77
CA ILE A 325 -17.78 -15.16 27.69
C ILE A 325 -18.57 -16.43 27.96
N PRO A 326 -19.36 -16.43 29.04
CA PRO A 326 -20.06 -17.67 29.45
C PRO A 326 -20.93 -18.16 28.30
N GLY A 327 -20.88 -19.46 28.01
CA GLY A 327 -21.75 -20.05 26.97
C GLY A 327 -21.17 -19.98 25.57
N LEU A 328 -20.23 -19.05 25.33
CA LEU A 328 -19.70 -18.83 23.98
C LEU A 328 -18.99 -20.08 23.41
N GLU A 329 -18.12 -20.70 24.20
CA GLU A 329 -17.39 -21.84 23.72
C GLU A 329 -18.31 -22.98 23.25
N GLU A 330 -19.31 -23.28 24.08
CA GLU A 330 -20.24 -24.35 23.72
C GLU A 330 -21.15 -23.97 22.56
N ALA A 331 -21.58 -22.71 22.50
CA ALA A 331 -22.37 -22.21 21.37
C ALA A 331 -21.65 -22.34 20.03
N ILE A 332 -20.36 -22.01 20.02
CA ILE A 332 -19.50 -22.16 18.83
C ILE A 332 -19.28 -23.62 18.49
N ARG A 333 -18.95 -24.44 19.50
CA ARG A 333 -18.72 -25.87 19.29
C ARG A 333 -19.94 -26.54 18.70
N LYS A 334 -21.13 -26.25 19.24
CA LYS A 334 -22.37 -26.80 18.73
C LYS A 334 -22.69 -26.37 17.32
N GLN A 335 -22.43 -25.11 17.00
CA GLN A 335 -22.63 -24.62 15.65
C GLN A 335 -21.65 -25.27 14.67
N LEU A 336 -20.39 -25.38 15.06
CA LEU A 336 -19.36 -25.71 14.07
C LEU A 336 -19.07 -27.20 13.93
N GLN A 337 -19.26 -27.97 15.00
CA GLN A 337 -18.91 -29.39 14.95
C GLN A 337 -19.60 -30.18 13.82
N PRO A 338 -20.93 -30.04 13.67
CA PRO A 338 -21.61 -30.73 12.55
C PRO A 338 -21.27 -30.17 11.16
N LEU A 339 -20.98 -28.87 11.08
CA LEU A 339 -20.51 -28.26 9.84
C LEU A 339 -19.14 -28.77 9.43
N PHE A 340 -18.24 -28.96 10.40
CA PHE A 340 -16.92 -29.50 10.14
C PHE A 340 -17.04 -30.96 9.65
N ILE A 341 -17.87 -31.76 10.33
CA ILE A 341 -18.14 -33.17 9.94
C ILE A 341 -18.55 -33.28 8.46
N GLU A 342 -19.61 -32.59 8.07
CA GLU A 342 -20.08 -32.62 6.69
C GLU A 342 -19.03 -32.06 5.72
N LEU A 343 -18.50 -30.89 6.05
CA LEU A 343 -17.51 -30.22 5.22
C LEU A 343 -16.30 -31.09 4.94
N LEU A 344 -15.83 -31.80 5.96
CA LEU A 344 -14.57 -32.50 5.87
C LEU A 344 -14.69 -33.82 5.09
N ARG A 345 -15.92 -34.27 4.86
CA ARG A 345 -16.15 -35.55 4.18
C ARG A 345 -15.38 -35.57 2.86
N GLU A 346 -15.70 -34.62 2.00
CA GLU A 346 -15.12 -34.53 0.66
C GLU A 346 -14.07 -33.42 0.51
N HIS A 347 -13.49 -32.99 1.63
CA HIS A 347 -12.46 -31.95 1.63
C HIS A 347 -11.09 -32.57 1.40
N PRO A 348 -10.26 -31.94 0.54
CA PRO A 348 -8.94 -32.44 0.20
C PRO A 348 -8.04 -32.77 1.39
N VAL A 349 -8.17 -32.04 2.49
CA VAL A 349 -7.21 -32.17 3.60
C VAL A 349 -7.47 -33.33 4.58
N THR A 350 -8.71 -33.81 4.63
CA THR A 350 -9.16 -34.71 5.70
C THR A 350 -8.38 -36.03 5.84
N PRO A 351 -8.20 -36.79 4.72
CA PRO A 351 -7.39 -38.02 4.86
C PRO A 351 -6.05 -37.77 5.53
N ALA A 352 -5.36 -36.71 5.14
CA ALA A 352 -4.09 -36.34 5.76
C ALA A 352 -4.23 -36.05 7.26
N LEU A 353 -5.27 -35.33 7.63
CA LEU A 353 -5.52 -35.03 9.06
C LEU A 353 -5.93 -36.30 9.81
N LEU A 354 -6.74 -37.11 9.16
CA LEU A 354 -7.24 -38.36 9.74
C LEU A 354 -6.07 -39.29 10.00
N ALA A 355 -5.07 -39.22 9.12
CA ALA A 355 -3.87 -40.03 9.24
C ALA A 355 -2.86 -39.48 10.26
N ARG A 356 -3.29 -38.48 11.04
CA ARG A 356 -2.42 -37.82 12.02
C ARG A 356 -2.61 -38.36 13.44
N ARG A 357 -3.64 -39.19 13.62
CA ARG A 357 -3.98 -39.74 14.94
C ARG A 357 -2.80 -40.46 15.62
N ILE B 11 -0.71 -11.00 -39.73
CA ILE B 11 0.01 -10.17 -38.72
C ILE B 11 0.14 -10.85 -37.35
N VAL B 12 -1.01 -11.18 -36.76
CA VAL B 12 -1.12 -11.90 -35.50
C VAL B 12 -0.37 -13.23 -35.59
N GLU B 13 -0.76 -14.03 -36.59
CA GLU B 13 -0.20 -15.36 -36.80
C GLU B 13 1.29 -15.29 -37.09
N ASN B 14 1.72 -14.20 -37.71
CA ASN B 14 3.14 -13.95 -37.89
C ASN B 14 3.84 -13.77 -36.55
N VAL B 15 3.25 -12.94 -35.70
CA VAL B 15 3.77 -12.72 -34.34
C VAL B 15 3.68 -14.02 -33.54
N ARG B 16 2.55 -14.71 -33.66
CA ARG B 16 2.36 -16.03 -33.05
C ARG B 16 3.37 -17.05 -33.58
N LYS B 17 3.70 -16.95 -34.87
CA LYS B 17 4.69 -17.81 -35.52
C LYS B 17 6.06 -17.64 -34.86
N ARG B 18 6.58 -16.42 -34.88
CA ARG B 18 7.84 -16.11 -34.20
C ARG B 18 7.62 -15.06 -33.10
N PRO B 19 7.26 -15.51 -31.88
CA PRO B 19 7.03 -14.59 -30.76
C PRO B 19 8.33 -14.01 -30.20
N GLY B 20 9.39 -14.82 -30.17
CA GLY B 20 10.69 -14.40 -29.65
C GLY B 20 11.29 -13.18 -30.32
N MET B 21 10.93 -12.96 -31.59
CA MET B 21 11.38 -11.78 -32.32
C MET B 21 10.69 -10.50 -31.87
N TYR B 22 9.42 -10.63 -31.45
CA TYR B 22 8.61 -9.46 -31.11
C TYR B 22 8.62 -9.08 -29.62
N CYS B 23 9.09 -9.96 -28.76
CA CYS B 23 9.19 -9.65 -27.32
C CYS B 23 10.39 -10.28 -26.62
N GLY B 24 11.44 -10.57 -27.39
CA GLY B 24 12.71 -11.01 -26.82
C GLY B 24 12.81 -12.51 -26.70
N ASP B 25 11.83 -13.11 -26.04
CA ASP B 25 11.78 -14.56 -25.87
C ASP B 25 10.39 -14.96 -25.40
N VAL B 26 10.21 -16.24 -25.09
CA VAL B 26 8.92 -16.74 -24.59
C VAL B 26 9.10 -17.31 -23.18
N GLY B 27 10.06 -16.74 -22.45
CA GLY B 27 10.27 -17.03 -21.05
C GLY B 27 9.79 -15.84 -20.19
N GLU B 28 10.40 -15.70 -19.01
CA GLU B 28 10.01 -14.67 -18.05
C GLU B 28 10.13 -13.26 -18.63
N TYR B 29 11.07 -13.08 -19.57
CA TYR B 29 11.32 -11.78 -20.20
C TYR B 29 10.22 -11.36 -21.18
N GLY B 30 9.84 -12.23 -22.10
CA GLY B 30 8.77 -11.89 -23.02
C GLY B 30 7.42 -11.78 -22.33
N LEU B 31 7.19 -12.67 -21.35
CA LEU B 31 5.96 -12.65 -20.59
C LEU B 31 5.72 -11.23 -20.07
N HIS B 32 6.71 -10.72 -19.35
CA HIS B 32 6.57 -9.39 -18.75
C HIS B 32 6.51 -8.26 -19.75
N HIS B 33 7.11 -8.46 -20.93
CA HIS B 33 7.07 -7.42 -21.97
C HIS B 33 5.71 -7.22 -22.57
N LEU B 34 4.87 -8.26 -22.54
CA LEU B 34 3.48 -8.10 -22.92
C LEU B 34 2.82 -7.02 -22.07
N VAL B 35 3.20 -6.98 -20.79
CA VAL B 35 2.72 -5.94 -19.85
C VAL B 35 3.40 -4.59 -20.09
N TYR B 36 4.72 -4.59 -20.22
CA TYR B 36 5.48 -3.35 -20.52
C TYR B 36 5.03 -2.65 -21.80
N PHE B 37 4.71 -3.43 -22.84
CA PHE B 37 4.21 -2.83 -24.09
C PHE B 37 2.94 -2.01 -23.85
N LEU B 38 2.05 -2.50 -23.00
CA LEU B 38 0.86 -1.74 -22.60
C LEU B 38 1.17 -0.50 -21.76
N LEU B 39 2.08 -0.66 -20.80
CA LEU B 39 2.56 0.47 -20.00
C LEU B 39 3.21 1.57 -20.87
N ASP B 40 4.04 1.16 -21.84
CA ASP B 40 4.64 2.09 -22.81
C ASP B 40 3.59 2.95 -23.52
N VAL B 41 2.47 2.33 -23.89
CA VAL B 41 1.34 3.05 -24.47
C VAL B 41 0.88 4.13 -23.50
N ALA B 42 0.60 3.70 -22.27
CA ALA B 42 0.15 4.61 -21.23
C ALA B 42 1.11 5.79 -20.99
N TYR B 43 2.41 5.50 -20.88
CA TYR B 43 3.41 6.55 -20.72
C TYR B 43 3.38 7.57 -21.85
N GLU B 44 3.33 7.10 -23.09
CA GLU B 44 3.33 7.99 -24.24
C GLU B 44 2.15 8.94 -24.17
N GLU B 45 0.97 8.40 -23.86
CA GLU B 45 -0.23 9.21 -23.64
C GLU B 45 -0.07 10.22 -22.51
N ALA B 46 0.50 9.79 -21.39
CA ALA B 46 0.74 10.69 -20.28
C ALA B 46 1.83 11.71 -20.58
N ARG B 47 2.81 11.33 -21.40
CA ARG B 47 3.90 12.23 -21.77
C ARG B 47 3.35 13.43 -22.54
N ARG B 48 2.38 13.15 -23.41
CA ARG B 48 1.68 14.21 -24.12
C ARG B 48 0.66 14.92 -23.23
N GLY B 49 0.45 14.40 -22.03
CA GLY B 49 -0.53 14.97 -21.11
C GLY B 49 -1.95 14.65 -21.49
N GLU B 50 -2.18 13.43 -21.98
CA GLU B 50 -3.52 12.99 -22.39
C GLU B 50 -3.99 11.75 -21.63
N CYS B 51 -3.42 11.53 -20.44
CA CYS B 51 -3.73 10.39 -19.60
C CYS B 51 -3.25 10.72 -18.21
N ARG B 52 -4.18 10.72 -17.25
CA ARG B 52 -3.87 11.12 -15.88
C ARG B 52 -3.83 9.93 -14.92
N ASP B 53 -4.31 8.79 -15.38
CA ASP B 53 -4.46 7.63 -14.51
C ASP B 53 -4.11 6.33 -15.23
N VAL B 54 -3.40 5.46 -14.54
CA VAL B 54 -3.06 4.15 -15.07
C VAL B 54 -3.36 3.14 -13.97
N VAL B 55 -4.05 2.05 -14.30
CA VAL B 55 -4.29 1.00 -13.33
C VAL B 55 -3.90 -0.36 -13.88
N LEU B 56 -2.92 -0.98 -13.22
CA LEU B 56 -2.48 -2.31 -13.59
C LEU B 56 -2.97 -3.33 -12.55
N GLU B 57 -3.68 -4.38 -12.98
CA GLU B 57 -4.18 -5.41 -12.06
C GLU B 57 -3.66 -6.77 -12.41
N VAL B 58 -3.18 -7.47 -11.41
CA VAL B 58 -2.77 -8.85 -11.57
C VAL B 58 -3.85 -9.68 -10.89
N GLY B 59 -4.44 -10.60 -11.64
CA GLY B 59 -5.48 -11.47 -11.11
C GLY B 59 -4.88 -12.81 -10.73
N GLY B 60 -5.56 -13.55 -9.86
CA GLY B 60 -5.05 -14.84 -9.41
C GLY B 60 -5.08 -15.91 -10.50
N ASP B 61 -5.93 -15.70 -11.51
CA ASP B 61 -6.20 -16.70 -12.55
C ASP B 61 -5.14 -16.74 -13.66
N GLY B 62 -4.00 -16.11 -13.43
CA GLY B 62 -2.93 -16.05 -14.43
C GLY B 62 -3.08 -14.93 -15.44
N SER B 63 -4.20 -14.20 -15.37
CA SER B 63 -4.43 -13.07 -16.28
C SER B 63 -3.90 -11.75 -15.71
N ILE B 64 -4.12 -10.69 -16.46
CA ILE B 64 -3.55 -9.38 -16.16
C ILE B 64 -4.40 -8.37 -16.90
N ALA B 65 -4.59 -7.18 -16.33
CA ALA B 65 -5.38 -6.13 -16.98
C ALA B 65 -4.80 -4.74 -16.77
N LEU B 66 -4.91 -3.90 -17.79
CA LEU B 66 -4.41 -2.54 -17.69
C LEU B 66 -5.50 -1.58 -18.09
N PHE B 67 -5.75 -0.58 -17.24
CA PHE B 67 -6.70 0.45 -17.56
C PHE B 67 -6.01 1.80 -17.63
N CYS B 68 -6.48 2.66 -18.53
CA CYS B 68 -5.98 4.03 -18.66
C CYS B 68 -7.11 4.96 -19.00
N THR B 69 -7.03 6.19 -18.51
CA THR B 69 -7.93 7.26 -18.93
C THR B 69 -7.33 7.90 -20.18
N SER B 70 -8.18 8.47 -21.04
CA SER B 70 -7.71 8.96 -22.33
C SER B 70 -8.49 10.18 -22.82
N SER B 100 3.51 1.96 -31.28
CA SER B 100 3.01 1.15 -30.16
C SER B 100 3.10 -0.36 -30.43
N MET B 101 3.38 -1.11 -29.39
CA MET B 101 3.46 -2.56 -29.47
C MET B 101 2.23 -3.27 -28.88
N LEU B 102 1.09 -2.58 -28.88
CA LEU B 102 -0.18 -3.13 -28.39
C LEU B 102 -0.49 -4.50 -28.99
N VAL B 103 -0.47 -4.56 -30.32
CA VAL B 103 -0.82 -5.76 -31.08
C VAL B 103 0.00 -6.99 -30.71
N VAL B 104 1.26 -6.79 -30.30
CA VAL B 104 2.09 -7.91 -29.85
C VAL B 104 1.53 -8.63 -28.61
N SER B 105 1.07 -7.85 -27.62
CA SER B 105 0.51 -8.41 -26.38
C SER B 105 -0.73 -9.28 -26.65
N LEU B 106 -1.65 -8.76 -27.46
CA LEU B 106 -2.88 -9.48 -27.82
C LEU B 106 -2.60 -10.80 -28.53
N ALA B 107 -1.73 -10.74 -29.54
CA ALA B 107 -1.43 -11.90 -30.39
C ALA B 107 -0.90 -13.07 -29.57
N LEU B 108 -0.15 -12.76 -28.51
CA LEU B 108 0.51 -13.78 -27.72
C LEU B 108 -0.30 -14.26 -26.51
N SER B 109 -1.58 -13.91 -26.49
CA SER B 109 -2.48 -14.36 -25.45
C SER B 109 -3.29 -15.60 -25.90
N SER B 110 -3.65 -16.46 -24.94
CA SER B 110 -4.60 -17.55 -25.20
C SER B 110 -6.03 -17.03 -25.27
N ARG B 111 -6.31 -15.91 -24.60
CA ARG B 111 -7.55 -15.13 -24.78
C ARG B 111 -7.40 -13.70 -24.23
N TYR B 112 -8.30 -12.80 -24.65
CA TYR B 112 -8.30 -11.43 -24.12
C TYR B 112 -9.66 -10.73 -24.24
N GLN B 113 -9.80 -9.59 -23.55
CA GLN B 113 -11.00 -8.74 -23.63
C GLN B 113 -10.59 -7.29 -23.49
N VAL B 114 -11.12 -6.43 -24.35
CA VAL B 114 -10.83 -5.00 -24.31
C VAL B 114 -12.11 -4.21 -24.11
N ASP B 115 -12.03 -3.13 -23.33
CA ASP B 115 -13.18 -2.30 -23.01
C ASP B 115 -12.86 -0.84 -23.25
N ILE B 116 -13.77 -0.14 -23.92
CA ILE B 116 -13.64 1.30 -24.14
C ILE B 116 -14.86 2.02 -23.55
N TRP B 117 -14.61 3.09 -22.81
CA TRP B 117 -15.68 3.93 -22.30
C TRP B 117 -15.61 5.25 -23.05
N ASP B 119 -17.31 8.12 -23.06
CA ASP B 119 -18.12 8.82 -24.04
C ASP B 119 -19.58 8.88 -23.57
N GLY B 120 -19.99 7.84 -22.85
CA GLY B 120 -21.36 7.72 -22.37
C GLY B 120 -21.70 6.24 -22.34
N ARG B 121 -21.46 5.57 -23.47
CA ARG B 121 -21.65 4.13 -23.56
C ARG B 121 -20.32 3.40 -23.44
N GLN B 122 -20.38 2.14 -23.06
CA GLN B 122 -19.20 1.31 -22.93
C GLN B 122 -19.10 0.36 -24.11
N TRP B 123 -18.29 0.73 -25.10
CA TRP B 123 -18.04 -0.11 -26.26
C TRP B 123 -17.03 -1.21 -25.92
N ARG B 124 -17.40 -2.46 -26.23
CA ARG B 124 -16.54 -3.60 -25.92
C ARG B 124 -16.15 -4.39 -27.17
N VAL B 125 -14.85 -4.62 -27.33
CA VAL B 125 -14.31 -5.51 -28.36
C VAL B 125 -13.72 -6.75 -27.70
N MET B 126 -14.28 -7.91 -27.99
CA MET B 126 -13.77 -9.17 -27.46
C MET B 126 -12.67 -9.68 -28.38
N GLY B 127 -11.93 -10.68 -27.92
CA GLY B 127 -10.83 -11.24 -28.70
C GLY B 127 -10.40 -12.61 -28.24
N GLU B 128 -9.99 -13.45 -29.18
CA GLU B 128 -9.48 -14.77 -28.86
C GLU B 128 -8.39 -15.15 -29.84
N HIS B 129 -7.44 -15.96 -29.37
CA HIS B 129 -6.31 -16.45 -30.16
C HIS B 129 -5.50 -15.38 -30.92
N GLY B 130 -5.71 -14.11 -30.56
CA GLY B 130 -4.92 -13.02 -31.12
C GLY B 130 -5.75 -12.01 -31.88
N HIS B 131 -6.86 -12.47 -32.45
CA HIS B 131 -7.68 -11.62 -33.32
C HIS B 131 -8.94 -11.16 -32.60
N PRO B 132 -9.39 -9.93 -32.89
CA PRO B 132 -10.64 -9.38 -32.39
C PRO B 132 -11.85 -10.23 -32.79
N GLN B 133 -13.05 -9.78 -32.45
CA GLN B 133 -14.27 -10.45 -32.90
C GLN B 133 -15.26 -9.42 -33.43
N GLY B 134 -14.79 -8.18 -33.53
CA GLY B 134 -15.66 -7.06 -33.87
C GLY B 134 -16.57 -6.72 -32.70
N MET B 142 -23.46 0.69 -19.50
CA MET B 142 -22.16 0.90 -18.88
C MET B 142 -21.94 0.03 -17.65
N GLU B 143 -20.67 -0.15 -17.31
CA GLU B 143 -20.27 -0.75 -16.04
C GLU B 143 -19.19 0.16 -15.44
N PRO B 144 -18.93 0.02 -14.12
CA PRO B 144 -18.04 0.97 -13.46
C PRO B 144 -16.62 1.04 -14.05
N MET B 145 -16.21 2.23 -14.49
CA MET B 145 -14.81 2.48 -14.87
C MET B 145 -13.91 2.34 -13.64
N PRO B 146 -12.75 1.66 -13.78
CA PRO B 146 -11.80 1.50 -12.67
C PRO B 146 -11.39 2.85 -12.09
N VAL B 147 -11.23 3.84 -12.96
CA VAL B 147 -11.13 5.23 -12.55
C VAL B 147 -12.12 5.99 -13.42
N SER B 148 -13.07 6.66 -12.78
CA SER B 148 -14.13 7.34 -13.52
C SER B 148 -13.64 8.59 -14.22
N ALA B 149 -13.62 8.56 -15.54
CA ALA B 149 -13.29 9.71 -16.36
C ALA B 149 -14.14 9.72 -17.62
N GLU B 150 -14.00 10.75 -18.45
CA GLU B 150 -14.82 10.87 -19.66
C GLU B 150 -14.50 9.77 -20.66
N ARG B 151 -13.20 9.47 -20.82
CA ARG B 151 -12.73 8.40 -21.71
C ARG B 151 -11.88 7.37 -20.93
N GLY B 152 -11.69 6.19 -21.50
CA GLY B 152 -10.88 5.16 -20.86
C GLY B 152 -10.85 3.82 -21.58
N VAL B 153 -9.75 3.08 -21.41
CA VAL B 153 -9.63 1.75 -22.01
C VAL B 153 -8.97 0.74 -21.07
N ARG B 154 -9.56 -0.45 -21.00
CA ARG B 154 -9.02 -1.56 -20.22
C ARG B 154 -8.75 -2.80 -21.07
N VAL B 155 -7.48 -3.19 -21.10
CA VAL B 155 -7.05 -4.35 -21.87
C VAL B 155 -6.71 -5.48 -20.90
N HIS B 156 -7.47 -6.55 -20.98
CA HIS B 156 -7.33 -7.68 -20.10
C HIS B 156 -6.94 -8.84 -20.98
N PHE B 157 -6.03 -9.71 -20.52
CA PHE B 157 -5.63 -10.88 -21.31
C PHE B 157 -4.98 -11.99 -20.51
N VAL B 158 -4.84 -13.15 -21.15
CA VAL B 158 -4.14 -14.29 -20.57
C VAL B 158 -3.01 -14.75 -21.51
N PRO B 159 -1.76 -14.62 -21.09
CA PRO B 159 -0.64 -15.02 -21.96
C PRO B 159 -0.78 -16.48 -22.40
N ASP B 160 -0.42 -16.79 -23.65
CA ASP B 160 -0.70 -18.13 -24.16
C ASP B 160 0.16 -19.24 -23.59
N ALA B 161 -0.49 -20.12 -22.84
CA ALA B 161 0.20 -21.21 -22.18
C ALA B 161 0.86 -22.21 -23.14
N THR B 162 0.45 -22.20 -24.41
CA THR B 162 1.09 -23.09 -25.39
C THR B 162 2.37 -22.45 -25.95
N ILE B 163 2.39 -21.11 -25.95
CA ILE B 163 3.51 -20.32 -26.46
C ILE B 163 4.58 -20.05 -25.39
N PHE B 164 4.14 -19.65 -24.20
CA PHE B 164 5.09 -19.22 -23.17
C PHE B 164 5.55 -20.36 -22.27
N GLU B 165 6.81 -20.30 -21.84
CA GLU B 165 7.41 -21.30 -20.97
C GLU B 165 7.26 -20.94 -19.48
N VAL B 166 6.80 -19.72 -19.24
CA VAL B 166 6.65 -19.16 -17.90
C VAL B 166 5.30 -18.49 -17.95
N LEU B 167 4.49 -18.63 -16.91
CA LEU B 167 3.13 -18.08 -17.02
C LEU B 167 2.74 -17.16 -15.87
N ALA B 168 3.48 -17.22 -14.76
CA ALA B 168 3.19 -16.39 -13.60
C ALA B 168 3.96 -15.07 -13.68
N PHE B 169 3.25 -13.97 -13.44
CA PHE B 169 3.91 -12.68 -13.38
C PHE B 169 4.58 -12.47 -12.04
N ASP B 170 5.66 -11.69 -12.07
CA ASP B 170 6.38 -11.32 -10.88
C ASP B 170 5.73 -10.03 -10.41
N ARG B 171 5.01 -10.10 -9.31
CA ARG B 171 4.25 -8.94 -8.83
C ARG B 171 5.16 -7.85 -8.29
N ALA B 172 6.25 -8.26 -7.64
CA ALA B 172 7.25 -7.33 -7.16
C ALA B 172 7.87 -6.52 -8.31
N ARG B 173 8.12 -7.19 -9.44
N ARG B 173 8.12 -7.21 -9.43
CA ARG B 173 8.72 -6.51 -10.59
CA ARG B 173 8.70 -6.60 -10.62
C ARG B 173 7.74 -5.55 -11.23
C ARG B 173 7.74 -5.57 -11.21
N LEU B 174 6.49 -5.99 -11.39
CA LEU B 174 5.48 -5.14 -11.99
C LEU B 174 5.16 -3.95 -11.08
N SER B 175 5.16 -4.19 -9.77
CA SER B 175 4.95 -3.11 -8.79
C SER B 175 6.06 -2.04 -8.89
N ARG B 176 7.33 -2.46 -8.89
CA ARG B 176 8.42 -1.50 -9.07
C ARG B 176 8.30 -0.72 -10.38
N ARG B 177 7.89 -1.38 -11.45
CA ARG B 177 7.71 -0.71 -12.73
C ARG B 177 6.61 0.39 -12.68
N CYS B 178 5.53 0.13 -11.94
CA CYS B 178 4.51 1.16 -11.74
C CYS B 178 5.06 2.32 -10.92
N ASN B 179 5.81 2.00 -9.88
CA ASN B 179 6.47 3.04 -9.07
C ASN B 179 7.38 3.96 -9.92
N GLU B 180 8.19 3.34 -10.78
CA GLU B 180 9.07 4.10 -11.71
C GLU B 180 8.28 4.97 -12.67
N LEU B 181 7.19 4.43 -13.20
CA LEU B 181 6.34 5.19 -14.15
C LEU B 181 5.86 6.49 -13.53
N ALA B 182 5.44 6.42 -12.26
CA ALA B 182 4.93 7.58 -11.56
C ALA B 182 6.03 8.63 -11.35
N ALA B 183 7.26 8.16 -11.11
CA ALA B 183 8.38 9.08 -10.93
C ALA B 183 8.77 9.73 -12.26
N LEU B 184 8.67 8.98 -13.35
CA LEU B 184 9.20 9.39 -14.65
C LEU B 184 8.24 10.26 -15.41
N ALA B 185 6.97 10.19 -15.02
CA ALA B 185 5.95 11.05 -15.56
C ALA B 185 5.27 11.79 -14.40
N PRO B 186 5.96 12.81 -13.84
CA PRO B 186 5.46 13.48 -12.64
C PRO B 186 4.02 13.95 -12.79
N GLY B 187 3.18 13.59 -11.82
CA GLY B 187 1.76 13.94 -11.86
C GLY B 187 0.86 12.83 -12.35
N LEU B 188 1.44 11.82 -13.02
CA LEU B 188 0.65 10.65 -13.43
C LEU B 188 0.28 9.82 -12.20
N ARG B 189 -0.97 9.35 -12.14
CA ARG B 189 -1.42 8.46 -11.07
C ARG B 189 -1.29 7.03 -11.52
N VAL B 190 -0.42 6.26 -10.88
CA VAL B 190 -0.25 4.86 -11.28
C VAL B 190 -0.55 3.94 -10.11
N SER B 191 -1.44 2.97 -10.33
CA SER B 191 -1.80 1.97 -9.32
C SER B 191 -1.45 0.57 -9.76
N PHE B 192 -0.99 -0.22 -8.82
CA PHE B 192 -0.83 -1.64 -9.01
C PHE B 192 -1.79 -2.37 -8.07
N ALA B 193 -2.69 -3.18 -8.65
CA ALA B 193 -3.65 -3.93 -7.85
C ALA B 193 -3.37 -5.42 -7.85
N ASP B 194 -3.14 -5.99 -6.68
CA ASP B 194 -3.01 -7.42 -6.54
C ASP B 194 -4.32 -7.93 -6.04
N LEU B 195 -5.15 -8.37 -6.97
CA LEU B 195 -6.55 -8.67 -6.69
C LEU B 195 -6.72 -9.75 -5.64
N GLN B 196 -5.82 -10.73 -5.63
CA GLN B 196 -6.02 -11.83 -4.70
C GLN B 196 -5.71 -11.41 -3.26
N ARG B 197 -4.78 -10.47 -3.10
CA ARG B 197 -4.41 -9.94 -1.78
C ARG B 197 -5.39 -8.88 -1.27
N GLY B 198 -6.28 -8.41 -2.14
CA GLY B 198 -7.20 -7.34 -1.80
C GLY B 198 -6.47 -6.05 -1.53
N GLU B 199 -5.31 -5.90 -2.17
CA GLU B 199 -4.41 -4.78 -1.95
C GLU B 199 -4.16 -4.00 -3.23
N ARG B 200 -4.01 -2.69 -3.12
CA ARG B 200 -3.83 -1.84 -4.28
C ARG B 200 -2.94 -0.70 -3.85
N THR B 201 -1.88 -0.46 -4.61
CA THR B 201 -1.00 0.66 -4.26
C THR B 201 -1.11 1.76 -5.30
N LEU B 202 -1.24 3.00 -4.85
CA LEU B 202 -1.34 4.14 -5.73
C LEU B 202 -0.10 4.98 -5.54
N TRP B 203 0.59 5.28 -6.65
CA TRP B 203 1.72 6.19 -6.60
C TRP B 203 1.34 7.48 -7.28
N HIS B 204 1.67 8.58 -6.62
CA HIS B 204 1.52 9.90 -7.20
C HIS B 204 2.71 10.74 -6.75
N LEU B 205 3.63 11.03 -7.67
CA LEU B 205 4.86 11.70 -7.29
C LEU B 205 5.04 12.96 -8.12
N PRO B 206 4.38 14.05 -7.73
CA PRO B 206 4.42 15.26 -8.56
C PRO B 206 5.80 15.93 -8.52
N GLY B 207 6.64 15.52 -7.58
CA GLY B 207 8.05 15.94 -7.55
C GLY B 207 8.96 15.08 -8.42
N GLY B 208 8.37 14.21 -9.22
CA GLY B 208 9.12 13.41 -10.19
C GLY B 208 10.34 12.73 -9.63
N VAL B 209 11.44 12.77 -10.39
CA VAL B 209 12.68 12.08 -9.97
C VAL B 209 13.34 12.66 -8.71
N ALA B 210 13.09 13.93 -8.43
CA ALA B 210 13.61 14.59 -7.23
C ALA B 210 12.99 13.96 -6.00
N GLN B 211 11.67 13.77 -6.05
CA GLN B 211 10.93 13.13 -4.98
C GLN B 211 11.30 11.65 -4.85
N TRP B 212 11.48 10.97 -5.98
CA TRP B 212 11.86 9.56 -6.00
C TRP B 212 13.25 9.32 -5.39
N ALA B 213 14.18 10.22 -5.68
CA ALA B 213 15.51 10.16 -5.09
C ALA B 213 15.46 10.22 -3.56
N HIS B 214 14.60 11.08 -3.01
CA HIS B 214 14.34 11.14 -1.56
C HIS B 214 13.93 9.77 -1.01
N VAL B 215 12.96 9.15 -1.68
CA VAL B 215 12.52 7.80 -1.34
C VAL B 215 13.64 6.76 -1.37
N LEU B 216 14.41 6.76 -2.46
CA LEU B 216 15.48 5.79 -2.61
C LEU B 216 16.60 5.92 -1.56
N THR B 217 16.68 7.08 -0.91
CA THR B 217 17.78 7.36 0.04
C THR B 217 17.32 7.62 1.48
N GLU B 218 16.01 7.48 1.72
CA GLU B 218 15.42 7.75 3.04
C GLU B 218 16.11 7.01 4.19
N ALA B 219 16.56 5.77 3.95
CA ALA B 219 17.18 4.98 5.00
C ALA B 219 18.69 5.19 5.11
N ARG B 220 19.21 6.20 4.41
CA ARG B 220 20.66 6.47 4.40
C ARG B 220 21.02 7.78 5.07
N PRO B 221 22.27 7.88 5.59
CA PRO B 221 22.79 9.15 6.10
C PRO B 221 23.14 10.11 4.96
N GLN B 222 22.33 11.15 4.80
CA GLN B 222 22.49 12.08 3.68
C GLN B 222 23.53 13.15 4.00
N LEU B 223 24.33 13.53 3.01
CA LEU B 223 25.36 14.55 3.22
C LEU B 223 24.81 15.95 2.99
N HIS B 224 23.55 16.02 2.63
CA HIS B 224 22.84 17.25 2.41
C HIS B 224 21.37 16.88 2.36
N PRO B 225 20.47 17.79 2.78
CA PRO B 225 19.05 17.44 2.93
C PRO B 225 18.31 17.17 1.62
N GLU B 226 18.55 18.00 0.61
CA GLU B 226 17.76 17.97 -0.63
C GLU B 226 18.63 17.53 -1.80
N PRO B 227 18.06 16.71 -2.71
CA PRO B 227 18.81 16.39 -3.92
C PRO B 227 19.08 17.64 -4.76
N VAL B 228 20.18 17.60 -5.50
CA VAL B 228 20.46 18.62 -6.53
C VAL B 228 19.59 18.22 -7.71
N VAL B 229 18.80 19.14 -8.22
CA VAL B 229 17.78 18.76 -9.18
C VAL B 229 17.78 19.68 -10.39
N PHE B 230 17.52 19.12 -11.56
CA PHE B 230 17.36 19.91 -12.78
C PHE B 230 16.16 19.40 -13.58
N ASP B 231 15.57 20.30 -14.36
CA ASP B 231 14.44 20.01 -15.22
C ASP B 231 14.46 21.11 -16.24
N PHE B 232 14.73 20.76 -17.49
CA PHE B 232 14.76 21.75 -18.56
C PHE B 232 14.50 21.01 -19.83
N THR B 233 14.18 21.73 -20.90
CA THR B 233 13.89 21.09 -22.16
C THR B 233 14.80 21.64 -23.24
N TRP B 234 15.21 20.78 -24.15
CA TRP B 234 16.04 21.20 -25.26
C TRP B 234 15.52 20.49 -26.49
N ASP B 235 15.18 21.26 -27.52
CA ASP B 235 14.81 20.67 -28.81
C ASP B 235 13.62 19.70 -28.69
N GLY B 236 12.63 20.07 -27.88
CA GLY B 236 11.47 19.21 -27.66
C GLY B 236 11.71 18.04 -26.72
N LEU B 237 12.93 17.93 -26.19
CA LEU B 237 13.23 16.88 -25.21
C LEU B 237 13.32 17.44 -23.78
N ARG B 238 12.59 16.82 -22.86
CA ARG B 238 12.67 17.22 -21.45
C ARG B 238 13.75 16.39 -20.75
N VAL B 239 14.60 17.05 -19.97
CA VAL B 239 15.64 16.34 -19.18
C VAL B 239 15.39 16.56 -17.69
N GLN B 240 15.25 15.48 -16.93
CA GLN B 240 15.02 15.57 -15.51
C GLN B 240 16.16 14.84 -14.82
N CYS B 241 16.74 15.46 -13.80
CA CYS B 241 17.89 14.90 -13.10
CA CYS B 241 17.88 14.89 -13.08
C CYS B 241 17.77 15.09 -11.58
N ALA B 242 18.19 14.08 -10.82
CA ALA B 242 18.29 14.24 -9.36
C ALA B 242 19.55 13.55 -8.85
N LEU B 243 20.29 14.22 -7.97
CA LEU B 243 21.54 13.67 -7.45
C LEU B 243 21.55 13.78 -5.94
N GLN B 244 21.94 12.70 -5.27
CA GLN B 244 21.94 12.71 -3.81
C GLN B 244 23.13 11.93 -3.28
N TRP B 245 24.01 12.61 -2.56
CA TRP B 245 25.15 11.96 -1.98
C TRP B 245 24.82 11.55 -0.56
N CYS B 246 25.25 10.35 -0.21
CA CYS B 246 25.04 9.82 1.13
C CYS B 246 26.38 9.39 1.68
N GLU B 247 26.41 9.10 2.97
CA GLU B 247 27.65 8.75 3.65
C GLU B 247 27.89 7.24 3.64
N ASP B 248 28.07 6.70 2.43
CA ASP B 248 28.54 5.33 2.21
C ASP B 248 29.35 5.28 0.92
N GLU B 249 29.65 4.08 0.43
CA GLU B 249 30.46 3.92 -0.78
C GLU B 249 29.62 3.48 -1.97
N ASP B 250 28.47 2.89 -1.68
CA ASP B 250 27.53 2.48 -2.73
C ASP B 250 27.19 3.64 -3.66
N SER B 251 27.08 3.35 -4.95
CA SER B 251 26.60 4.33 -5.90
C SER B 251 25.55 3.73 -6.83
N THR B 252 24.55 4.53 -7.16
CA THR B 252 23.44 4.09 -7.98
C THR B 252 23.21 5.12 -9.09
N LEU B 253 23.21 4.66 -10.34
CA LEU B 253 22.99 5.54 -11.46
C LEU B 253 21.93 4.90 -12.31
N LEU B 254 20.76 5.52 -12.30
CA LEU B 254 19.60 5.03 -13.01
C LEU B 254 19.29 6.01 -14.12
N SER B 255 19.26 5.55 -15.37
CA SER B 255 18.96 6.45 -16.48
C SER B 255 17.86 5.91 -17.36
N PHE B 256 17.10 6.82 -17.95
CA PHE B 256 15.91 6.43 -18.70
C PHE B 256 15.74 7.29 -19.92
N ALA B 257 15.18 6.68 -20.96
CA ALA B 257 14.70 7.40 -22.11
C ALA B 257 13.23 7.06 -22.24
N ASN B 258 12.38 8.08 -22.31
CA ASN B 258 10.94 7.89 -22.37
C ASN B 258 10.51 6.78 -21.41
N ALA B 259 10.98 6.88 -20.17
CA ALA B 259 10.63 5.96 -19.08
C ALA B 259 11.07 4.50 -19.23
N VAL B 260 11.91 4.21 -20.21
CA VAL B 260 12.51 2.88 -20.29
C VAL B 260 14.01 2.94 -20.01
N ARG B 261 14.43 2.09 -19.08
CA ARG B 261 15.78 2.00 -18.61
C ARG B 261 16.79 1.97 -19.77
N THR B 262 17.83 2.80 -19.67
CA THR B 262 18.99 2.76 -20.56
C THR B 262 20.15 2.20 -19.75
N VAL B 263 20.29 0.87 -19.73
CA VAL B 263 21.24 0.24 -18.81
C VAL B 263 22.70 0.54 -19.14
N ARG B 264 22.96 0.93 -20.39
CA ARG B 264 24.30 1.34 -20.75
C ARG B 264 24.43 2.87 -20.89
N HIS B 265 23.47 3.57 -20.29
CA HIS B 265 23.52 5.02 -20.21
C HIS B 265 23.55 5.72 -21.57
N GLY B 266 24.57 6.56 -21.81
CA GLY B 266 24.67 7.27 -23.09
C GLY B 266 24.66 8.79 -23.01
N ALA B 267 24.17 9.43 -24.06
CA ALA B 267 24.30 10.88 -24.24
C ALA B 267 23.75 11.70 -23.07
N HIS B 268 22.64 11.24 -22.46
CA HIS B 268 22.01 11.95 -21.34
C HIS B 268 22.88 11.92 -20.10
N VAL B 269 23.35 10.74 -19.75
CA VAL B 269 24.19 10.60 -18.56
C VAL B 269 25.54 11.32 -18.79
N LYS B 270 26.13 11.15 -19.96
CA LYS B 270 27.42 11.79 -20.23
C LYS B 270 27.36 13.31 -20.11
N GLY B 271 26.30 13.94 -20.62
CA GLY B 271 26.14 15.40 -20.45
C GLY B 271 26.20 15.79 -18.99
N VAL B 272 25.53 15.01 -18.14
CA VAL B 272 25.50 15.29 -16.72
C VAL B 272 26.83 15.09 -16.03
N THR B 273 27.50 13.97 -16.30
CA THR B 273 28.77 13.69 -15.61
C THR B 273 29.87 14.65 -16.09
N GLN B 274 29.89 14.95 -17.38
CA GLN B 274 30.87 15.91 -17.91
C GLN B 274 30.65 17.30 -17.31
N ALA B 275 29.39 17.70 -17.15
CA ALA B 275 29.05 19.00 -16.48
C ALA B 275 29.52 19.07 -15.04
N LEU B 276 29.30 17.98 -14.29
CA LEU B 276 29.64 17.97 -12.88
C LEU B 276 31.14 17.95 -12.70
N ARG B 277 31.82 17.09 -13.46
CA ARG B 277 33.29 17.04 -13.34
C ARG B 277 33.91 18.41 -13.75
N GLY B 278 33.37 19.01 -14.81
CA GLY B 278 33.78 20.36 -15.23
C GLY B 278 33.62 21.39 -14.14
N ALA B 279 32.51 21.33 -13.41
CA ALA B 279 32.21 22.29 -12.35
C ALA B 279 33.12 22.16 -11.15
N LEU B 280 33.42 20.91 -10.75
CA LEU B 280 34.31 20.67 -9.62
C LEU B 280 35.72 21.20 -9.91
N ALA B 281 36.16 20.96 -11.13
CA ALA B 281 37.41 21.48 -11.64
C ALA B 281 37.44 23.01 -11.54
N LYS B 282 36.38 23.67 -12.01
CA LYS B 282 36.30 25.13 -11.90
C LYS B 282 36.34 25.59 -10.44
N LEU B 283 35.67 24.87 -9.55
CA LEU B 283 35.56 25.32 -8.17
C LEU B 283 36.84 25.16 -7.38
N SER B 284 37.69 24.24 -7.83
CA SER B 284 38.90 23.86 -7.09
C SER B 284 40.15 24.43 -7.71
N GLY B 285 40.00 25.01 -8.90
CA GLY B 285 41.15 25.47 -9.67
C GLY B 285 41.87 24.31 -10.35
N GLU B 286 41.32 23.11 -10.20
CA GLU B 286 41.91 21.90 -10.78
C GLU B 286 41.39 21.66 -12.19
N THR B 287 41.40 20.40 -12.64
CA THR B 287 40.90 20.05 -13.98
C THR B 287 40.01 18.79 -13.92
N ARG B 288 39.37 18.42 -15.04
CA ARG B 288 38.42 17.28 -15.06
C ARG B 288 39.09 15.96 -14.75
N GLY B 289 40.30 15.80 -15.28
CA GLY B 289 41.09 14.60 -15.08
C GLY B 289 41.36 14.37 -13.62
N ALA B 290 41.29 15.44 -12.83
CA ALA B 290 41.49 15.32 -11.40
C ALA B 290 40.24 14.79 -10.71
N PHE B 291 39.11 14.73 -11.43
CA PHE B 291 37.85 14.26 -10.85
C PHE B 291 37.26 13.12 -11.68
N PRO B 292 37.88 11.92 -11.62
CA PRO B 292 37.37 10.76 -12.34
C PRO B 292 35.97 10.46 -11.83
N TRP B 293 35.06 10.09 -12.72
CA TRP B 293 33.66 9.87 -12.35
C TRP B 293 33.49 8.88 -11.20
N ALA B 294 34.30 7.81 -11.21
CA ALA B 294 34.20 6.75 -10.17
C ALA B 294 34.34 7.31 -8.76
N ARG B 295 35.22 8.27 -8.59
CA ARG B 295 35.42 8.88 -7.28
C ARG B 295 34.30 9.86 -6.92
N VAL B 296 33.87 10.65 -7.91
CA VAL B 296 32.80 11.63 -7.69
C VAL B 296 31.50 10.91 -7.27
N ALA B 297 31.23 9.77 -7.90
CA ALA B 297 29.98 9.02 -7.71
C ALA B 297 29.92 8.13 -6.45
N GLN B 298 30.98 8.14 -5.65
CA GLN B 298 30.94 7.48 -4.33
C GLN B 298 29.85 8.02 -3.40
N GLY B 299 28.94 7.13 -2.99
CA GLY B 299 27.86 7.53 -2.11
C GLY B 299 26.73 8.22 -2.85
N LEU B 300 26.85 8.30 -4.18
CA LEU B 300 25.87 9.06 -4.99
C LEU B 300 24.73 8.20 -5.51
N THR B 301 23.51 8.68 -5.29
CA THR B 301 22.35 8.16 -5.98
C THR B 301 21.92 9.17 -7.06
N ALA B 302 21.99 8.76 -8.32
CA ALA B 302 21.72 9.68 -9.43
C ALA B 302 20.66 9.12 -10.35
N ILE B 303 19.70 9.97 -10.70
CA ILE B 303 18.70 9.63 -11.67
C ILE B 303 18.72 10.63 -12.81
N VAL B 304 18.80 10.13 -14.03
CA VAL B 304 18.83 10.97 -15.21
C VAL B 304 17.78 10.46 -16.15
N ALA B 305 16.81 11.29 -16.46
CA ALA B 305 15.73 10.81 -17.32
C ALA B 305 15.49 11.76 -18.49
N VAL B 306 15.43 11.23 -19.71
CA VAL B 306 15.10 12.05 -20.86
CA VAL B 306 15.09 12.04 -20.88
C VAL B 306 13.76 11.60 -21.47
N SER B 307 13.00 12.53 -22.00
CA SER B 307 11.73 12.17 -22.61
C SER B 307 11.36 13.14 -23.73
N GLY B 308 10.62 12.64 -24.71
CA GLY B 308 10.23 13.45 -25.85
C GLY B 308 9.59 12.59 -26.93
N PRO B 309 9.19 13.21 -28.05
CA PRO B 309 8.55 12.47 -29.14
C PRO B 309 9.35 11.22 -29.49
N ARG B 310 8.64 10.11 -29.70
CA ARG B 310 9.27 8.82 -30.00
C ARG B 310 10.14 8.84 -31.27
N ARG B 311 9.78 9.69 -32.22
CA ARG B 311 10.57 9.83 -33.45
C ARG B 311 12.02 10.27 -33.21
N GLN B 312 12.25 11.16 -32.24
CA GLN B 312 13.59 11.70 -31.99
C GLN B 312 14.40 10.99 -30.89
N MET B 313 13.86 9.90 -30.34
CA MET B 313 14.67 8.98 -29.54
C MET B 313 15.58 8.28 -30.53
N ALA B 314 16.84 8.05 -30.15
CA ALA B 314 17.80 7.36 -31.01
C ALA B 314 18.83 6.63 -30.18
N PHE B 315 19.23 5.44 -30.64
CA PHE B 315 20.10 4.56 -29.87
C PHE B 315 21.33 4.06 -30.65
N ALA B 316 22.32 3.53 -29.91
CA ALA B 316 23.51 2.98 -30.52
C ALA B 316 23.48 1.45 -30.52
N GLY B 317 23.18 0.85 -31.68
CA GLY B 317 23.10 -0.61 -31.78
C GLY B 317 21.75 -1.10 -31.31
N PRO B 318 21.07 -1.91 -32.15
CA PRO B 318 19.64 -2.21 -32.24
C PRO B 318 18.90 -2.30 -30.91
N THR B 319 19.59 -2.75 -29.86
CA THR B 319 19.02 -2.81 -28.52
C THR B 319 19.09 -1.43 -27.86
N LYS B 320 17.96 -0.97 -27.33
CA LYS B 320 17.80 0.39 -26.82
C LYS B 320 18.46 0.67 -25.44
N GLU B 321 19.64 0.09 -25.23
CA GLU B 321 20.34 0.20 -23.95
C GLU B 321 21.20 1.47 -23.81
N LEU B 322 21.50 2.11 -24.94
CA LEU B 322 22.43 3.23 -24.96
C LEU B 322 21.86 4.38 -25.78
N LEU B 323 21.64 5.52 -25.13
CA LEU B 323 21.06 6.67 -25.80
C LEU B 323 22.12 7.37 -26.67
N ALA B 324 21.73 7.66 -27.91
CA ALA B 324 22.63 8.32 -28.86
C ALA B 324 21.85 9.35 -29.66
N ILE B 325 21.51 10.45 -29.00
CA ILE B 325 20.85 11.56 -29.65
C ILE B 325 21.90 12.64 -29.96
N PRO B 326 22.04 13.02 -31.25
CA PRO B 326 23.07 13.98 -31.62
C PRO B 326 22.83 15.34 -31.00
N GLY B 327 23.86 15.92 -30.39
CA GLY B 327 23.73 17.25 -29.79
C GLY B 327 23.21 17.28 -28.36
N LEU B 328 22.60 16.18 -27.92
CA LEU B 328 21.99 16.12 -26.59
C LEU B 328 23.03 16.19 -25.48
N GLU B 329 24.09 15.39 -25.58
CA GLU B 329 25.16 15.40 -24.57
C GLU B 329 25.69 16.82 -24.32
N GLU B 330 26.04 17.51 -25.41
CA GLU B 330 26.54 18.88 -25.31
C GLU B 330 25.51 19.88 -24.81
N ALA B 331 24.29 19.74 -25.28
CA ALA B 331 23.23 20.62 -24.85
C ALA B 331 23.03 20.47 -23.34
N ILE B 332 22.98 19.23 -22.86
CA ILE B 332 22.92 18.99 -21.41
C ILE B 332 24.13 19.53 -20.66
N ARG B 333 25.34 19.18 -21.12
CA ARG B 333 26.56 19.69 -20.50
C ARG B 333 26.55 21.23 -20.39
N LYS B 334 26.28 21.89 -21.52
CA LYS B 334 26.29 23.37 -21.55
C LYS B 334 25.27 23.98 -20.61
N GLN B 335 24.09 23.38 -20.53
CA GLN B 335 23.06 23.85 -19.60
C GLN B 335 23.49 23.68 -18.14
N LEU B 336 24.02 22.50 -17.78
CA LEU B 336 24.21 22.17 -16.38
C LEU B 336 25.51 22.63 -15.79
N GLN B 337 26.55 22.79 -16.60
CA GLN B 337 27.86 23.13 -16.03
C GLN B 337 27.85 24.45 -15.23
N PRO B 338 27.37 25.57 -15.83
CA PRO B 338 27.30 26.80 -15.03
C PRO B 338 26.40 26.69 -13.81
N LEU B 339 25.28 25.98 -13.96
CA LEU B 339 24.38 25.78 -12.82
C LEU B 339 25.05 25.03 -11.67
N PHE B 340 25.79 23.96 -11.99
CA PHE B 340 26.54 23.24 -10.95
C PHE B 340 27.50 24.18 -10.25
N ILE B 341 28.24 24.99 -11.04
CA ILE B 341 29.23 25.90 -10.46
C ILE B 341 28.56 26.84 -9.49
N GLU B 342 27.42 27.40 -9.90
CA GLU B 342 26.64 28.33 -9.08
C GLU B 342 26.19 27.69 -7.78
N LEU B 343 25.59 26.51 -7.89
CA LEU B 343 24.94 25.92 -6.72
C LEU B 343 25.91 25.26 -5.76
N LEU B 344 27.00 24.71 -6.31
CA LEU B 344 27.96 23.98 -5.47
C LEU B 344 28.89 24.85 -4.64
N ARG B 345 29.16 26.09 -5.05
CA ARG B 345 30.04 26.98 -4.28
C ARG B 345 29.76 26.90 -2.80
N GLU B 346 28.51 27.15 -2.42
CA GLU B 346 28.13 27.19 -1.01
C GLU B 346 27.21 26.04 -0.61
N HIS B 347 27.40 24.90 -1.26
CA HIS B 347 26.62 23.69 -0.98
C HIS B 347 27.36 22.85 0.07
N PRO B 348 26.62 22.26 1.01
CA PRO B 348 27.23 21.45 2.07
C PRO B 348 28.03 20.24 1.59
N VAL B 349 27.64 19.64 0.47
CA VAL B 349 28.36 18.48 -0.06
C VAL B 349 29.71 18.83 -0.71
N THR B 350 29.87 20.07 -1.13
CA THR B 350 31.00 20.41 -1.99
C THR B 350 32.38 20.21 -1.37
N PRO B 351 32.58 20.60 -0.08
CA PRO B 351 33.92 20.33 0.47
C PRO B 351 34.31 18.86 0.39
N ALA B 352 33.37 17.97 0.71
CA ALA B 352 33.61 16.53 0.58
C ALA B 352 33.97 16.15 -0.86
N LEU B 353 33.25 16.71 -1.83
CA LEU B 353 33.48 16.39 -3.24
C LEU B 353 34.84 16.86 -3.74
N LEU B 354 35.24 18.07 -3.36
CA LEU B 354 36.53 18.60 -3.81
C LEU B 354 37.70 17.84 -3.17
N ALA B 355 37.51 17.41 -1.93
CA ALA B 355 38.54 16.64 -1.23
C ALA B 355 38.84 15.27 -1.88
N ARG B 356 38.00 14.86 -2.83
CA ARG B 356 38.18 13.59 -3.50
C ARG B 356 39.11 13.68 -4.70
N ARG B 357 39.63 14.88 -4.99
CA ARG B 357 40.45 15.08 -6.20
C ARG B 357 41.67 14.17 -6.23
N THR B 358 42.25 14.02 -7.42
CA THR B 358 43.45 13.20 -7.58
C THR B 358 44.47 13.89 -8.49
#